data_2B4Y
#
_entry.id   2B4Y
#
_cell.length_a   44.574
_cell.length_b   58.756
_cell.length_c   104.965
_cell.angle_alpha   93.50
_cell.angle_beta   92.75
_cell.angle_gamma   94.98
#
_symmetry.space_group_name_H-M   'P 1'
#
loop_
_entity.id
_entity.type
_entity.pdbx_description
1 polymer 'NAD-dependent deacetylase sirtuin-5'
2 non-polymer 'ZINC ION'
3 non-polymer ADENOSINE-5-DIPHOSPHORIBOSE
4 non-polymer '4-(2-HYDROXYETHYL)-1-PIPERAZINE ETHANESULFONIC ACID'
5 water water
#
_entity_poly.entity_id   1
_entity_poly.type   'polypeptide(L)'
_entity_poly.pdbx_seq_one_letter_code
;GSARPSSS(MSE)ADFRKFFAKAKHIVIISGAGVSAESGVPTFRGAGGYWRKWQAQDLATPLAFAHNPSRVWEFYHYRRE
V(MSE)GSKEPNAGHRAIAECETRLGKQGRRVVVITQNIDELHRKAGTKNLLEIHGSLFKTRCTSCGVVAENYKSPICPA
LSGKGAPEPGTQDASIPVEKLPRCEEAGCGGLLRPHVVWFGENLDPAILEEVDRELAHCDLCLVVGTSSVVYPAA(MSE)
FAPQVAARGVPVAEFNTETTPATNRFRFHFQGPCGTTLPEALA
;
_entity_poly.pdbx_strand_id   A,B,C,D
#
# COMPACT_ATOMS: atom_id res chain seq x y z
N PRO A 5 6.14 53.67 9.62
CA PRO A 5 6.77 52.55 8.90
C PRO A 5 6.59 52.79 7.40
N SER A 6 7.66 52.62 6.63
CA SER A 6 7.62 52.86 5.19
C SER A 6 7.01 51.70 4.38
N SER A 7 6.47 52.00 3.20
CA SER A 7 5.99 50.96 2.27
C SER A 7 6.76 51.00 1.00
N SER A 8 7.96 51.59 1.07
CA SER A 8 8.82 51.69 -0.10
C SER A 8 9.50 50.37 -0.46
N ALA A 10 11.37 49.96 -2.99
CA ALA A 10 12.70 50.26 -3.56
C ALA A 10 13.72 50.39 -2.43
N ASP A 11 13.31 51.03 -1.35
CA ASP A 11 14.17 51.25 -0.18
C ASP A 11 14.46 49.93 0.58
N PHE A 12 13.46 49.06 0.66
CA PHE A 12 13.63 47.67 1.11
C PHE A 12 14.65 46.90 0.27
N ARG A 13 14.46 46.93 -1.04
CA ARG A 13 15.37 46.24 -1.95
C ARG A 13 16.82 46.71 -1.82
N LYS A 14 17.05 48.00 -1.48
CA LYS A 14 18.45 48.50 -1.27
C LYS A 14 19.12 47.78 -0.11
N PHE A 15 18.39 47.67 1.00
CA PHE A 15 18.83 46.86 2.14
C PHE A 15 18.98 45.38 1.80
N PHE A 16 18.01 44.81 1.08
CA PHE A 16 18.06 43.39 0.74
C PHE A 16 19.28 43.06 -0.11
N ALA A 17 19.69 43.99 -0.97
CA ALA A 17 20.74 43.75 -1.95
C ALA A 17 22.06 43.60 -1.25
N LYS A 18 22.15 44.17 -0.06
CA LYS A 18 23.40 44.23 0.70
C LYS A 18 23.44 43.42 2.01
N ALA A 19 22.30 42.90 2.47
CA ALA A 19 22.21 42.17 3.72
C ALA A 19 23.07 40.88 3.68
N LYS A 20 24.01 40.78 4.64
CA LYS A 20 24.88 39.56 4.83
C LYS A 20 24.14 38.45 5.61
N HIS A 21 23.14 38.83 6.40
CA HIS A 21 22.49 37.86 7.32
C HIS A 21 21.02 38.25 7.57
N ILE A 22 20.11 37.55 6.89
CA ILE A 22 18.68 37.83 6.98
C ILE A 22 17.97 36.86 7.91
N VAL A 23 17.22 37.39 8.89
CA VAL A 23 16.39 36.49 9.70
C VAL A 23 14.93 36.68 9.26
N ILE A 24 14.24 35.57 9.01
CA ILE A 24 12.81 35.59 8.61
C ILE A 24 12.06 34.88 9.71
N ILE A 25 11.23 35.64 10.45
CA ILE A 25 10.33 35.12 11.45
C ILE A 25 8.97 34.86 10.82
N SER A 26 8.45 33.63 10.91
CA SER A 26 7.19 33.32 10.32
C SER A 26 6.16 32.78 11.34
N GLY A 27 4.88 33.03 11.01
CA GLY A 27 3.74 32.45 11.73
C GLY A 27 2.69 31.89 10.80
N ALA A 28 1.50 31.71 11.37
CA ALA A 28 0.47 31.00 10.64
C ALA A 28 0.04 31.62 9.33
N GLY A 29 0.19 32.96 9.19
CA GLY A 29 -0.17 33.65 7.97
C GLY A 29 0.58 33.15 6.75
N VAL A 30 1.82 32.69 6.96
CA VAL A 30 2.67 32.20 5.84
C VAL A 30 2.11 30.92 5.19
N SER A 31 1.29 30.19 5.93
CA SER A 31 0.71 28.94 5.43
C SER A 31 -0.76 29.08 4.98
N ALA A 32 -1.34 30.27 5.16
CA ALA A 32 -2.74 30.56 4.81
C ALA A 32 -3.01 30.23 3.36
N GLU A 33 -2.10 30.61 2.48
CA GLU A 33 -2.28 30.37 1.03
C GLU A 33 -1.99 28.92 0.61
N SER A 34 -1.61 28.09 1.58
CA SER A 34 -1.51 26.67 1.34
C SER A 34 -2.79 25.97 1.78
N GLY A 35 -3.76 26.74 2.26
CA GLY A 35 -5.03 26.20 2.80
C GLY A 35 -4.92 25.51 4.15
N VAL A 36 -4.08 26.06 5.02
CA VAL A 36 -3.79 25.50 6.35
C VAL A 36 -4.43 26.51 7.33
N GLY A 44 -10.64 26.69 13.05
CA GLY A 44 -11.67 25.66 13.20
C GLY A 44 -11.72 24.73 14.43
N TYR A 45 -12.67 23.80 14.35
CA TYR A 45 -12.94 22.77 15.36
C TYR A 45 -12.51 21.42 14.82
N TRP A 46 -12.02 20.57 15.70
CA TRP A 46 -11.87 19.16 15.40
C TRP A 46 -12.81 18.44 16.31
N ARG A 47 -13.84 17.85 15.74
CA ARG A 47 -14.91 17.21 16.51
C ARG A 47 -15.47 18.31 17.45
N LYS A 48 -15.59 18.10 18.77
CA LYS A 48 -16.17 19.19 19.60
C LYS A 48 -15.15 20.17 20.22
N TRP A 49 -13.89 20.02 19.84
CA TRP A 49 -12.80 20.75 20.50
C TRP A 49 -12.04 21.69 19.59
N GLN A 50 -11.41 22.68 20.20
CA GLN A 50 -10.44 23.50 19.53
C GLN A 50 -9.04 23.18 20.10
N ALA A 51 -8.00 23.73 19.48
CA ALA A 51 -6.64 23.40 19.88
C ALA A 51 -6.42 23.56 21.38
N GLN A 52 -6.99 24.60 21.99
CA GLN A 52 -6.75 24.86 23.43
C GLN A 52 -7.24 23.74 24.35
N ASP A 53 -8.18 22.93 23.87
CA ASP A 53 -8.70 21.81 24.66
C ASP A 53 -7.91 20.50 24.46
N LEU A 54 -7.00 20.44 23.48
CA LEU A 54 -6.35 19.17 23.09
C LEU A 54 -4.83 19.24 23.24
N ALA A 55 -4.28 20.39 22.90
CA ALA A 55 -2.82 20.62 22.88
C ALA A 55 -2.37 21.07 24.26
N THR A 56 -2.62 20.20 25.24
CA THR A 56 -2.18 20.35 26.66
C THR A 56 -1.71 19.03 27.24
N PRO A 57 -0.76 19.11 28.20
CA PRO A 57 -0.34 17.91 28.90
C PRO A 57 -1.47 17.21 29.70
N LEU A 58 -2.41 17.99 30.25
CA LEU A 58 -3.57 17.41 30.94
C LEU A 58 -4.47 16.59 30.04
N ALA A 59 -4.73 17.12 28.84
CA ALA A 59 -5.52 16.40 27.84
C ALA A 59 -4.86 15.09 27.46
N PHE A 60 -3.56 15.16 27.18
CA PHE A 60 -2.82 13.96 26.81
C PHE A 60 -2.77 12.95 27.95
N ALA A 61 -2.62 13.45 29.20
CA ALA A 61 -2.58 12.57 30.36
C ALA A 61 -3.93 11.86 30.51
N HIS A 62 -5.03 12.59 30.25
CA HIS A 62 -6.36 12.05 30.44
C HIS A 62 -6.88 11.17 29.32
N ASN A 63 -6.62 11.58 28.07
CA ASN A 63 -7.03 10.81 26.90
C ASN A 63 -5.93 10.79 25.84
N PRO A 64 -4.85 10.03 26.08
CA PRO A 64 -3.74 9.98 25.10
C PRO A 64 -4.23 9.54 23.72
N SER A 65 -5.24 8.66 23.66
CA SER A 65 -5.74 8.21 22.33
C SER A 65 -6.34 9.41 21.60
N ARG A 66 -7.18 10.23 22.28
CA ARG A 66 -7.86 11.31 21.57
C ARG A 66 -6.86 12.34 21.07
N VAL A 67 -5.84 12.63 21.88
CA VAL A 67 -4.83 13.67 21.50
C VAL A 67 -4.05 13.13 20.26
N TRP A 68 -3.65 11.86 20.31
CA TRP A 68 -3.08 11.19 19.11
C TRP A 68 -3.93 11.15 17.85
N GLU A 69 -5.24 10.88 17.96
CA GLU A 69 -6.12 10.95 16.79
C GLU A 69 -6.06 12.34 16.14
N PHE A 70 -6.09 13.34 17.02
CA PHE A 70 -6.04 14.74 16.61
C PHE A 70 -4.70 14.99 15.87
N TYR A 71 -3.57 14.59 16.46
CA TYR A 71 -2.24 14.75 15.83
C TYR A 71 -2.00 13.90 14.54
N HIS A 72 -2.50 12.66 14.53
CA HIS A 72 -2.55 11.86 13.29
C HIS A 72 -3.27 12.59 12.15
N TYR A 73 -4.45 13.12 12.44
CA TYR A 73 -5.25 13.84 11.48
C TYR A 73 -4.47 15.04 10.94
N ARG A 74 -3.85 15.82 11.82
CA ARG A 74 -3.09 16.99 11.35
C ARG A 74 -1.89 16.57 10.48
N ARG A 75 -1.18 15.51 10.88
CA ARG A 75 -0.06 14.95 10.11
C ARG A 75 -0.53 14.54 8.71
N GLU A 76 -1.64 13.82 8.66
CA GLU A 76 -2.19 13.33 7.39
C GLU A 76 -2.67 14.45 6.48
N VAL A 77 -3.34 15.45 7.05
CA VAL A 77 -3.77 16.61 6.27
C VAL A 77 -2.56 17.30 5.59
N GLY A 79 0.43 16.05 4.63
CA GLY A 79 0.93 15.29 3.48
C GLY A 79 0.26 15.79 2.23
N SER A 80 -0.98 16.24 2.38
CA SER A 80 -1.76 16.78 1.26
C SER A 80 -1.46 18.23 0.89
N LYS A 81 -0.83 19.00 1.78
CA LYS A 81 -0.64 20.44 1.54
C LYS A 81 0.67 20.82 0.90
N GLU A 82 0.59 21.82 0.04
CA GLU A 82 1.74 22.22 -0.76
C GLU A 82 2.25 23.58 -0.30
N PRO A 83 3.59 23.77 -0.28
CA PRO A 83 4.12 25.11 0.05
C PRO A 83 3.57 26.13 -0.96
N ASN A 84 3.30 27.35 -0.54
CA ASN A 84 2.75 28.34 -1.48
C ASN A 84 3.89 29.22 -2.07
N ALA A 85 3.58 30.25 -2.84
CA ALA A 85 4.65 31.12 -3.43
C ALA A 85 5.50 31.88 -2.38
N GLY A 86 4.88 32.17 -1.22
CA GLY A 86 5.59 32.73 -0.05
C GLY A 86 6.68 31.81 0.48
N HIS A 87 6.33 30.55 0.85
CA HIS A 87 7.30 29.55 1.33
C HIS A 87 8.35 29.38 0.21
N ARG A 88 7.93 29.21 -1.06
CA ARG A 88 8.95 29.01 -2.16
C ARG A 88 9.91 30.21 -2.34
N ALA A 89 9.41 31.45 -2.21
CA ALA A 89 10.25 32.65 -2.30
C ALA A 89 11.29 32.69 -1.21
N ILE A 90 10.88 32.29 0.00
CA ILE A 90 11.80 32.23 1.16
C ILE A 90 12.91 31.17 0.97
N ALA A 91 12.52 29.95 0.57
CA ALA A 91 13.48 28.88 0.21
C ALA A 91 14.46 29.23 -0.93
N GLU A 92 13.93 29.76 -2.03
CA GLU A 92 14.77 30.23 -3.16
C GLU A 92 15.75 31.31 -2.76
N CYS A 93 15.31 32.27 -1.93
CA CYS A 93 16.19 33.26 -1.34
C CYS A 93 17.43 32.66 -0.63
N GLU A 94 17.19 31.66 0.22
CA GLU A 94 18.24 31.01 1.01
C GLU A 94 19.23 30.32 0.08
N THR A 95 18.71 29.59 -0.89
CA THR A 95 19.57 28.94 -1.88
C THR A 95 20.43 29.91 -2.67
N ARG A 96 19.84 31.04 -3.10
CA ARG A 96 20.52 32.02 -3.88
C ARG A 96 21.63 32.77 -3.13
N LEU A 97 21.32 33.24 -1.90
CA LEU A 97 22.28 33.96 -1.09
C LEU A 97 23.39 33.09 -0.62
N GLY A 98 23.08 31.81 -0.37
CA GLY A 98 24.03 30.83 0.06
C GLY A 98 25.06 30.53 -1.01
N LYS A 99 24.76 30.80 -2.28
CA LYS A 99 25.77 30.72 -3.36
C LYS A 99 26.71 31.92 -3.29
N GLN A 100 26.34 32.91 -2.49
CA GLN A 100 27.11 34.17 -2.31
C GLN A 100 27.71 34.30 -0.91
N GLY A 101 27.55 33.28 -0.04
CA GLY A 101 28.13 33.33 1.30
C GLY A 101 27.33 34.21 2.28
N ARG A 102 26.08 34.45 1.91
CA ARG A 102 25.16 35.31 2.66
C ARG A 102 24.16 34.41 3.41
N ARG A 103 23.87 34.70 4.68
CA ARG A 103 23.08 33.73 5.46
C ARG A 103 21.57 34.14 5.46
N VAL A 104 20.68 33.14 5.37
CA VAL A 104 19.24 33.39 5.48
C VAL A 104 18.79 32.27 6.42
N VAL A 105 18.13 32.64 7.51
CA VAL A 105 17.53 31.65 8.42
C VAL A 105 16.07 31.99 8.69
N VAL A 106 15.24 30.93 8.77
CA VAL A 106 13.84 31.02 9.12
C VAL A 106 13.63 30.56 10.56
N ILE A 107 13.00 31.44 11.34
CA ILE A 107 12.54 31.15 12.68
C ILE A 107 11.01 31.10 12.62
N THR A 108 10.48 29.90 12.75
CA THR A 108 9.04 29.71 12.64
C THR A 108 8.37 29.29 13.94
N GLN A 109 7.11 29.69 14.05
CA GLN A 109 6.22 29.34 15.11
C GLN A 109 5.35 28.17 14.67
N ASN A 110 5.32 27.89 13.38
CA ASN A 110 4.48 26.86 12.78
C ASN A 110 5.05 25.43 12.98
N ILE A 111 4.18 24.44 13.12
CA ILE A 111 4.64 23.07 13.30
C ILE A 111 4.34 22.19 12.04
N ASP A 112 3.88 22.84 10.98
CA ASP A 112 3.44 22.14 9.75
C ASP A 112 4.57 21.69 8.82
N GLU A 113 5.78 22.21 9.04
CA GLU A 113 6.94 21.90 8.16
C GLU A 113 6.82 22.23 6.67
N LEU A 114 5.91 23.14 6.29
CA LEU A 114 5.87 23.57 4.87
C LEU A 114 7.12 24.34 4.42
N HIS A 115 7.84 24.99 5.34
CA HIS A 115 9.12 25.65 4.95
C HIS A 115 10.13 24.55 4.40
N ARG A 116 10.24 23.46 5.14
CA ARG A 116 11.09 22.33 4.82
C ARG A 116 10.70 21.74 3.46
N LYS A 117 9.40 21.58 3.24
CA LYS A 117 8.85 21.05 1.97
C LYS A 117 9.13 21.99 0.79
N ALA A 118 9.23 23.28 1.10
CA ALA A 118 9.62 24.25 0.10
C ALA A 118 11.13 24.16 -0.22
N GLY A 119 11.92 23.53 0.66
CA GLY A 119 13.36 23.43 0.45
C GLY A 119 14.22 24.27 1.39
N THR A 120 13.59 24.89 2.39
CA THR A 120 14.33 25.60 3.44
C THR A 120 15.14 24.63 4.27
N LYS A 121 16.44 24.93 4.40
CA LYS A 121 17.36 24.11 5.17
C LYS A 121 17.74 24.73 6.51
N ASN A 122 17.91 26.04 6.56
CA ASN A 122 18.18 26.71 7.83
C ASN A 122 16.90 27.15 8.53
N LEU A 123 16.43 26.30 9.45
CA LEU A 123 15.10 26.46 10.02
C LEU A 123 15.15 26.22 11.52
N LEU A 124 14.66 27.18 12.30
CA LEU A 124 14.50 26.98 13.72
C LEU A 124 13.00 26.90 14.01
N GLU A 125 12.58 25.72 14.46
CA GLU A 125 11.15 25.46 14.77
C GLU A 125 10.92 25.58 16.25
N ILE A 126 10.56 26.78 16.71
CA ILE A 126 10.54 27.05 18.15
C ILE A 126 9.38 26.33 18.90
N HIS A 127 8.33 25.90 18.18
CA HIS A 127 7.21 25.19 18.81
C HIS A 127 7.17 23.70 18.53
N GLY A 128 8.26 23.11 18.01
CA GLY A 128 8.24 21.70 17.60
C GLY A 128 7.73 21.45 16.18
N SER A 129 7.26 20.22 15.95
CA SER A 129 6.86 19.74 14.64
C SER A 129 5.87 18.60 14.83
N LEU A 130 4.84 18.57 13.99
CA LEU A 130 3.92 17.45 13.78
C LEU A 130 4.70 16.18 13.39
N PHE A 131 5.91 16.38 12.86
CA PHE A 131 6.73 15.27 12.29
C PHE A 131 7.93 14.96 13.15
N LYS A 132 7.79 15.24 14.44
CA LYS A 132 8.70 14.77 15.45
C LYS A 132 7.96 14.14 16.61
N THR A 133 8.60 13.15 17.25
CA THR A 133 8.10 12.53 18.47
C THR A 133 9.09 12.72 19.61
N ARG A 134 8.57 12.62 20.83
CA ARG A 134 9.33 12.55 22.03
C ARG A 134 8.77 11.46 22.93
N CYS A 135 9.69 10.61 23.43
CA CYS A 135 9.32 9.59 24.37
C CYS A 135 9.01 10.15 25.76
N THR A 136 7.82 9.80 26.26
CA THR A 136 7.45 10.27 27.62
C THR A 136 8.22 9.62 28.77
N SER A 137 8.91 8.52 28.48
CA SER A 137 9.73 7.78 29.43
C SER A 137 11.20 8.21 29.43
N CYS A 138 11.85 8.11 28.27
CA CYS A 138 13.29 8.35 28.17
C CYS A 138 13.65 9.72 27.61
N GLY A 139 12.69 10.45 27.07
CA GLY A 139 12.95 11.80 26.57
C GLY A 139 13.58 11.97 25.20
N VAL A 140 13.84 10.86 24.52
CA VAL A 140 14.45 10.90 23.20
C VAL A 140 13.51 11.50 22.14
N VAL A 141 14.02 12.43 21.34
CA VAL A 141 13.25 13.01 20.26
C VAL A 141 13.70 12.34 18.96
N ALA A 142 12.76 12.11 18.05
CA ALA A 142 13.07 11.63 16.70
C ALA A 142 12.14 12.24 15.65
N GLU A 143 12.60 12.19 14.39
CA GLU A 143 11.73 12.48 13.26
C GLU A 143 10.84 11.30 12.87
N ASN A 144 9.63 11.64 12.41
CA ASN A 144 8.64 10.65 12.06
C ASN A 144 7.68 11.12 10.97
N TYR A 145 7.89 10.60 9.78
CA TYR A 145 7.09 10.91 8.60
C TYR A 145 6.14 9.81 8.14
N LYS A 146 6.03 8.75 8.93
CA LYS A 146 5.25 7.58 8.54
C LYS A 146 3.71 7.88 8.50
N SER A 147 3.06 7.52 7.40
CA SER A 147 1.61 7.58 7.29
C SER A 147 1.11 6.11 7.19
N PRO A 148 0.38 5.61 8.20
CA PRO A 148 0.04 6.24 9.48
C PRO A 148 1.21 6.05 10.43
N ILE A 149 1.25 6.83 11.51
CA ILE A 149 2.36 6.71 12.47
C ILE A 149 2.40 5.31 13.15
N CYS A 150 1.22 4.73 13.38
CA CYS A 150 1.09 3.35 13.86
C CYS A 150 -0.17 2.75 13.24
N PRO A 151 -0.17 1.41 13.02
CA PRO A 151 -1.36 0.83 12.38
C PRO A 151 -2.68 1.06 13.13
N ALA A 152 -2.69 1.15 14.47
CA ALA A 152 -3.97 1.40 15.14
C ALA A 152 -4.59 2.76 14.76
N LEU A 153 -3.78 3.73 14.27
CA LEU A 153 -4.28 5.09 13.93
C LEU A 153 -4.65 5.19 12.45
N SER A 154 -4.41 4.11 11.69
CA SER A 154 -4.77 4.13 10.27
C SER A 154 -6.28 4.42 10.09
N GLY A 155 -6.63 5.47 9.35
CA GLY A 155 -8.10 5.82 9.15
C GLY A 155 -8.70 6.55 10.34
N LYS A 156 -7.93 6.72 11.40
CA LYS A 156 -8.44 7.43 12.59
C LYS A 156 -8.30 8.95 12.49
N GLY A 157 -8.85 9.67 13.46
CA GLY A 157 -8.72 11.11 13.46
C GLY A 157 -9.69 11.95 12.63
N ALA A 158 -10.64 11.32 11.93
CA ALA A 158 -11.60 12.06 11.09
C ALA A 158 -12.36 13.06 11.94
N PRO A 159 -12.38 14.33 11.51
CA PRO A 159 -13.00 15.40 12.27
C PRO A 159 -14.51 15.52 12.11
N GLU A 160 -15.08 14.90 11.08
CA GLU A 160 -16.49 15.16 10.71
C GLU A 160 -17.51 14.79 11.77
N PRO A 161 -18.65 15.50 11.78
CA PRO A 161 -19.74 15.10 12.72
C PRO A 161 -20.10 13.62 12.53
N GLY A 162 -20.36 12.91 13.62
CA GLY A 162 -20.60 11.47 13.51
C GLY A 162 -19.40 10.58 13.76
N THR A 163 -18.25 11.19 13.99
CA THR A 163 -17.04 10.42 14.32
C THR A 163 -16.92 10.47 15.81
N GLN A 164 -16.56 9.39 16.46
CA GLN A 164 -16.20 9.54 17.88
C GLN A 164 -14.82 8.91 18.19
N ASP A 165 -14.42 8.97 19.46
CA ASP A 165 -13.15 8.51 19.97
C ASP A 165 -12.86 7.09 19.48
N ALA A 166 -11.66 6.90 18.94
CA ALA A 166 -11.22 5.55 18.61
C ALA A 166 -10.96 4.69 19.87
N SER A 167 -10.67 5.30 21.01
CA SER A 167 -10.33 4.59 22.24
C SER A 167 -9.22 3.55 22.04
N ILE A 168 -8.11 3.95 21.41
CA ILE A 168 -7.00 3.00 21.18
C ILE A 168 -6.33 2.70 22.51
N PRO A 169 -6.16 1.41 22.89
CA PRO A 169 -5.47 1.10 24.14
C PRO A 169 -4.06 1.71 24.06
N VAL A 170 -3.53 2.21 25.17
CA VAL A 170 -2.28 2.98 25.15
C VAL A 170 -1.06 2.22 24.63
N GLU A 171 -1.09 0.91 24.80
CA GLU A 171 0.00 0.08 24.37
C GLU A 171 0.06 -0.05 22.84
N LYS A 172 -1.03 0.32 22.16
CA LYS A 172 -1.09 0.32 20.68
C LYS A 172 -0.93 1.73 20.05
N LEU A 173 -0.79 2.76 20.90
CA LEU A 173 -0.42 4.13 20.43
C LEU A 173 1.06 4.16 20.09
N PRO A 174 1.56 5.23 19.42
CA PRO A 174 3.01 5.24 19.10
C PRO A 174 3.91 4.97 20.32
N ARG A 175 4.86 4.05 20.12
CA ARG A 175 5.79 3.63 21.18
C ARG A 175 7.28 3.79 20.80
N CYS A 176 8.09 3.99 21.82
CA CYS A 176 9.51 4.25 21.70
C CYS A 176 10.22 3.00 21.18
N GLU A 177 11.05 3.15 20.14
CA GLU A 177 11.89 2.05 19.68
C GLU A 177 13.29 1.98 20.31
N GLU A 178 13.60 2.81 21.30
CA GLU A 178 14.89 2.72 21.98
C GLU A 178 14.97 1.36 22.69
N ALA A 179 16.16 0.74 22.69
CA ALA A 179 16.27 -0.64 23.20
C ALA A 179 15.88 -0.73 24.66
N GLY A 180 14.90 -1.57 24.97
CA GLY A 180 14.50 -1.69 26.38
C GLY A 180 13.62 -0.58 26.96
N CYS A 181 13.20 0.41 26.14
CA CYS A 181 12.36 1.49 26.67
C CYS A 181 10.86 1.17 26.65
N GLY A 182 10.31 1.02 25.45
CA GLY A 182 8.91 0.68 25.26
C GLY A 182 7.92 1.79 25.63
N GLY A 183 8.39 3.00 25.94
CA GLY A 183 7.53 4.08 26.45
C GLY A 183 6.52 4.64 25.43
N LEU A 184 5.48 5.30 25.95
CA LEU A 184 4.55 6.10 25.15
C LEU A 184 5.21 7.36 24.59
N LEU A 185 5.12 7.52 23.28
CA LEU A 185 5.51 8.74 22.57
C LEU A 185 4.40 9.79 22.61
N ARG A 186 4.82 11.04 22.58
CA ARG A 186 3.91 12.16 22.36
C ARG A 186 4.43 12.93 21.12
N PRO A 187 3.58 13.77 20.50
CA PRO A 187 4.11 14.75 19.54
C PRO A 187 5.11 15.67 20.26
N HIS A 188 6.21 15.93 19.58
CA HIS A 188 7.23 16.88 19.98
C HIS A 188 6.77 18.26 19.52
N VAL A 189 5.73 18.77 20.17
CA VAL A 189 5.25 20.10 19.87
C VAL A 189 5.10 20.76 21.24
N VAL A 190 5.24 22.09 21.30
CA VAL A 190 5.12 22.79 22.59
C VAL A 190 3.61 23.03 22.89
N TRP A 191 3.13 22.42 23.97
CA TRP A 191 1.73 22.48 24.32
C TRP A 191 1.46 23.72 25.19
N PHE A 192 0.18 24.13 25.27
CA PHE A 192 -0.18 25.27 26.13
C PHE A 192 0.26 24.96 27.55
N GLY A 193 0.95 25.91 28.17
CA GLY A 193 1.46 25.70 29.53
C GLY A 193 2.92 25.29 29.56
N GLU A 194 3.44 24.72 28.46
CA GLU A 194 4.83 24.21 28.48
C GLU A 194 5.83 25.31 28.06
N ASN A 195 7.05 25.22 28.56
CA ASN A 195 8.11 26.19 28.22
C ASN A 195 8.70 25.80 26.88
N LEU A 196 9.22 26.78 26.15
CA LEU A 196 9.99 26.52 24.94
C LEU A 196 11.38 25.96 25.31
N ASP A 197 12.02 25.22 24.40
CA ASP A 197 13.31 24.60 24.72
C ASP A 197 14.41 25.65 24.80
N PRO A 198 15.09 25.75 25.97
CA PRO A 198 16.16 26.75 26.18
C PRO A 198 17.29 26.72 25.11
N ALA A 199 17.64 25.54 24.61
CA ALA A 199 18.62 25.39 23.57
C ALA A 199 18.20 26.06 22.27
N ILE A 200 16.91 25.94 21.92
CA ILE A 200 16.42 26.55 20.67
C ILE A 200 16.42 28.07 20.81
N LEU A 201 16.02 28.55 22.00
CA LEU A 201 15.98 29.98 22.25
C LEU A 201 17.38 30.63 22.23
N GLU A 202 18.42 29.87 22.60
CA GLU A 202 19.79 30.39 22.43
C GLU A 202 20.24 30.50 20.98
N GLU A 203 19.91 29.49 20.18
CA GLU A 203 20.13 29.55 18.73
C GLU A 203 19.39 30.76 18.12
N VAL A 204 18.13 30.95 18.52
CA VAL A 204 17.33 32.16 18.19
C VAL A 204 18.08 33.43 18.61
N ASP A 205 18.47 33.53 19.88
CA ASP A 205 19.15 34.76 20.33
C ASP A 205 20.39 35.09 19.50
N ARG A 206 21.19 34.07 19.24
CA ARG A 206 22.34 34.20 18.35
C ARG A 206 21.96 34.74 16.98
N GLU A 207 20.93 34.20 16.34
CA GLU A 207 20.57 34.71 14.99
C GLU A 207 20.08 36.16 15.01
N LEU A 208 19.24 36.52 16.01
CA LEU A 208 18.76 37.92 16.14
C LEU A 208 19.88 38.95 16.39
N ALA A 209 20.87 38.57 17.20
CA ALA A 209 22.00 39.46 17.55
C ALA A 209 22.88 39.77 16.37
N HIS A 210 22.95 38.86 15.41
CA HIS A 210 23.93 38.91 14.32
C HIS A 210 23.29 39.32 12.99
N CYS A 211 21.96 39.36 12.90
CA CYS A 211 21.35 39.68 11.63
C CYS A 211 21.52 41.16 11.24
N ASP A 212 21.40 41.43 9.95
CA ASP A 212 21.43 42.86 9.52
C ASP A 212 20.17 43.23 8.72
N LEU A 213 19.19 42.33 8.63
CA LEU A 213 17.90 42.58 7.99
C LEU A 213 16.94 41.52 8.51
N CYS A 214 15.77 41.93 8.96
CA CYS A 214 14.81 41.01 9.50
C CYS A 214 13.43 41.18 8.83
N LEU A 215 12.80 40.06 8.52
CA LEU A 215 11.47 40.01 7.92
C LEU A 215 10.57 39.34 8.95
N VAL A 216 9.42 39.94 9.21
CA VAL A 216 8.38 39.31 10.04
C VAL A 216 7.14 39.02 9.21
N VAL A 217 6.81 37.74 9.04
CA VAL A 217 5.89 37.31 8.00
C VAL A 217 4.70 36.49 8.57
N GLY A 218 3.47 36.94 8.27
CA GLY A 218 2.24 36.34 8.73
C GLY A 218 2.16 36.02 10.22
N THR A 219 2.55 36.95 11.05
CA THR A 219 2.37 36.72 12.47
C THR A 219 1.65 37.91 13.14
N SER A 220 0.86 37.60 14.16
CA SER A 220 0.00 38.59 14.84
C SER A 220 0.83 39.44 15.77
N SER A 221 2.05 38.96 16.09
CA SER A 221 3.00 39.63 16.99
C SER A 221 2.46 39.96 18.40
N VAL A 222 1.66 39.07 18.97
CA VAL A 222 1.12 39.29 20.33
C VAL A 222 1.39 38.09 21.24
N VAL A 223 1.73 36.96 20.63
CA VAL A 223 2.08 35.74 21.39
C VAL A 223 3.61 35.65 21.71
N TYR A 224 3.91 35.52 23.00
CA TYR A 224 5.28 35.42 23.47
C TYR A 224 5.76 33.98 23.37
N PRO A 225 7.09 33.79 23.27
CA PRO A 225 8.09 34.89 23.23
C PRO A 225 8.41 35.45 21.82
N ALA A 226 7.90 34.85 20.74
CA ALA A 226 8.15 35.29 19.39
C ALA A 226 7.77 36.71 19.08
N ALA A 227 6.67 37.17 19.69
CA ALA A 227 6.25 38.58 19.61
C ALA A 227 7.41 39.56 19.81
N PHE A 229 10.77 38.97 19.22
CA PHE A 229 12.01 38.75 18.41
C PHE A 229 12.32 39.96 17.51
N ALA A 230 11.36 40.34 16.67
CA ALA A 230 11.61 41.45 15.70
C ALA A 230 11.80 42.80 16.39
N PRO A 231 10.98 43.12 17.44
CA PRO A 231 11.28 44.32 18.20
C PRO A 231 12.69 44.35 18.79
N GLN A 232 13.21 43.20 19.24
CA GLN A 232 14.62 43.08 19.68
C GLN A 232 15.66 43.48 18.62
N VAL A 233 15.43 43.04 17.39
CA VAL A 233 16.27 43.43 16.29
C VAL A 233 16.12 44.92 15.94
N ALA A 234 14.88 45.42 15.83
CA ALA A 234 14.66 46.81 15.44
C ALA A 234 15.28 47.76 16.49
N ALA A 235 15.29 47.31 17.73
CA ALA A 235 15.94 48.08 18.82
C ALA A 235 17.46 48.30 18.66
N ARG A 236 18.14 47.41 17.92
CA ARG A 236 19.57 47.55 17.58
C ARG A 236 19.81 48.54 16.42
N GLY A 237 18.73 49.05 15.83
CA GLY A 237 18.78 49.94 14.69
C GLY A 237 18.79 49.18 13.39
N VAL A 238 18.39 47.91 13.41
CA VAL A 238 18.33 47.06 12.20
C VAL A 238 16.96 47.23 11.53
N PRO A 239 16.91 47.32 10.19
CA PRO A 239 15.59 47.33 9.56
C PRO A 239 14.82 46.00 9.65
N VAL A 240 13.57 46.10 10.06
CA VAL A 240 12.61 45.00 10.14
C VAL A 240 11.49 45.35 9.15
N ALA A 241 11.15 44.38 8.30
CA ALA A 241 10.07 44.55 7.34
C ALA A 241 8.93 43.59 7.73
N GLU A 242 7.75 44.10 8.01
CA GLU A 242 6.61 43.25 8.29
C GLU A 242 5.83 42.97 7.02
N PHE A 243 5.49 41.70 6.80
CA PHE A 243 4.68 41.29 5.67
C PHE A 243 3.44 40.64 6.28
N ASN A 244 2.29 41.31 6.17
CA ASN A 244 1.07 40.86 6.81
C ASN A 244 -0.14 41.40 6.01
N THR A 245 -1.26 40.70 6.03
CA THR A 245 -2.51 41.21 5.45
C THR A 245 -3.10 42.41 6.20
N GLU A 246 -2.68 42.62 7.45
CA GLU A 246 -3.17 43.72 8.29
C GLU A 246 -2.06 44.39 9.06
N THR A 247 -2.32 45.57 9.58
CA THR A 247 -1.44 46.04 10.65
C THR A 247 -1.58 45.17 11.92
N THR A 248 -0.54 45.16 12.71
CA THR A 248 -0.57 44.46 13.97
C THR A 248 -0.19 45.47 15.02
N PRO A 249 -0.35 45.11 16.31
CA PRO A 249 0.11 46.01 17.38
C PRO A 249 1.61 46.32 17.41
N ALA A 250 2.43 45.54 16.69
CA ALA A 250 3.91 45.80 16.68
C ALA A 250 4.38 46.62 15.45
N THR A 251 3.46 46.84 14.51
CA THR A 251 3.74 47.39 13.15
C THR A 251 4.55 48.70 13.22
N ASN A 252 4.13 49.61 14.11
CA ASN A 252 4.78 50.91 14.30
C ASN A 252 6.18 50.85 14.96
N ARG A 253 6.60 49.67 15.42
CA ARG A 253 7.98 49.47 15.89
C ARG A 253 8.99 49.17 14.75
N PHE A 254 8.49 48.90 13.53
CA PHE A 254 9.31 48.40 12.43
C PHE A 254 9.59 49.46 11.34
N ARG A 255 10.60 49.20 10.50
CA ARG A 255 11.07 50.13 9.47
C ARG A 255 10.16 50.08 8.21
N PHE A 256 9.63 48.89 7.92
CA PHE A 256 8.73 48.68 6.77
C PHE A 256 7.47 47.89 7.12
N HIS A 257 6.39 48.17 6.37
CA HIS A 257 5.15 47.39 6.41
C HIS A 257 4.67 47.21 4.98
N PHE A 258 4.56 45.94 4.55
CA PHE A 258 4.12 45.59 3.22
C PHE A 258 2.83 44.78 3.33
N GLN A 259 1.72 45.45 3.05
CA GLN A 259 0.41 44.86 3.33
C GLN A 259 -0.10 44.08 2.13
N GLY A 260 -0.61 42.87 2.39
CA GLY A 260 -1.05 42.02 1.35
C GLY A 260 -0.76 40.57 1.72
N PRO A 261 -1.28 39.63 0.91
CA PRO A 261 -0.97 38.24 1.16
C PRO A 261 0.53 38.02 0.84
N CYS A 262 1.27 37.36 1.74
CA CYS A 262 2.72 37.19 1.57
C CYS A 262 3.11 36.38 0.33
N GLY A 263 2.17 35.62 -0.25
CA GLY A 263 2.42 34.93 -1.51
C GLY A 263 2.51 35.87 -2.69
N THR A 264 2.06 37.11 -2.51
CA THR A 264 2.19 38.13 -3.54
C THR A 264 3.40 39.04 -3.27
N THR A 265 3.62 39.40 -2.02
CA THR A 265 4.56 40.43 -1.69
C THR A 265 5.97 39.87 -1.51
N LEU A 266 6.10 38.62 -1.04
CA LEU A 266 7.45 38.04 -0.81
C LEU A 266 8.23 37.70 -2.09
N PRO A 267 7.57 37.08 -3.10
CA PRO A 267 8.28 36.80 -4.36
C PRO A 267 8.84 38.09 -5.00
N GLU A 268 8.14 39.21 -4.82
CA GLU A 268 8.71 40.47 -5.24
C GLU A 268 9.87 40.97 -4.35
N ALA A 269 9.65 41.07 -3.04
CA ALA A 269 10.66 41.57 -2.12
C ALA A 269 11.95 40.73 -2.14
N LEU A 270 11.81 39.43 -2.34
CA LEU A 270 12.93 38.47 -2.27
C LEU A 270 13.43 38.05 -3.65
N ALA A 271 12.89 38.67 -4.69
CA ALA A 271 13.38 38.44 -6.06
C ALA A 271 14.84 38.93 -6.17
N PRO B 5 6.14 -40.07 15.47
CA PRO B 5 6.92 -38.93 15.94
C PRO B 5 7.61 -39.23 17.26
N SER B 6 8.69 -38.52 17.53
CA SER B 6 9.34 -38.58 18.84
C SER B 6 8.62 -37.75 19.95
N SER B 7 8.81 -38.15 21.21
CA SER B 7 8.38 -37.32 22.38
C SER B 7 9.56 -36.84 23.22
N SER B 8 10.76 -36.96 22.65
CA SER B 8 11.97 -36.50 23.31
C SER B 8 12.08 -34.98 23.34
N ALA B 10 14.26 -33.30 24.98
CA ALA B 10 15.69 -33.03 24.84
C ALA B 10 16.10 -32.89 23.36
N ASP B 11 15.68 -33.82 22.53
CA ASP B 11 15.96 -33.70 21.08
C ASP B 11 15.32 -32.45 20.49
N PHE B 12 14.06 -32.17 20.87
CA PHE B 12 13.47 -30.89 20.46
C PHE B 12 14.30 -29.66 20.85
N ARG B 13 14.68 -29.59 22.13
CA ARG B 13 15.42 -28.44 22.63
C ARG B 13 16.83 -28.20 22.03
N LYS B 14 17.50 -29.26 21.57
CA LYS B 14 18.76 -29.14 20.79
C LYS B 14 18.47 -28.43 19.44
N PHE B 15 17.36 -28.78 18.80
CA PHE B 15 16.94 -28.10 17.57
C PHE B 15 16.60 -26.64 17.90
N PHE B 16 15.72 -26.47 18.88
CA PHE B 16 15.35 -25.15 19.36
C PHE B 16 16.56 -24.28 19.62
N ALA B 17 17.60 -24.86 20.25
CA ALA B 17 18.78 -24.11 20.70
C ALA B 17 19.47 -23.42 19.56
N LYS B 18 19.36 -24.00 18.36
CA LYS B 18 20.08 -23.48 17.22
C LYS B 18 19.22 -22.88 16.09
N ALA B 19 17.89 -22.97 16.22
CA ALA B 19 16.96 -22.46 15.17
C ALA B 19 17.09 -20.93 14.97
N LYS B 20 17.29 -20.51 13.71
CA LYS B 20 17.42 -19.08 13.38
C LYS B 20 16.06 -18.47 12.99
N HIS B 21 15.09 -19.32 12.69
CA HIS B 21 13.82 -18.89 12.13
C HIS B 21 12.77 -19.98 12.47
N ILE B 22 11.99 -19.71 13.50
CA ILE B 22 10.96 -20.62 13.96
C ILE B 22 9.58 -20.09 13.48
N VAL B 23 8.81 -20.94 12.81
CA VAL B 23 7.39 -20.64 12.55
C VAL B 23 6.52 -21.42 13.56
N ILE B 24 5.53 -20.72 14.15
CA ILE B 24 4.60 -21.34 15.08
C ILE B 24 3.21 -21.16 14.52
N ILE B 25 2.59 -22.27 14.15
CA ILE B 25 1.23 -22.34 13.63
C ILE B 25 0.28 -22.57 14.80
N SER B 26 -0.64 -21.62 15.02
CA SER B 26 -1.66 -21.85 16.06
C SER B 26 -3.13 -21.96 15.59
N GLY B 27 -3.90 -22.74 16.38
CA GLY B 27 -5.33 -22.88 16.19
C GLY B 27 -6.00 -22.61 17.53
N ALA B 28 -7.28 -22.98 17.63
CA ALA B 28 -8.13 -22.59 18.75
C ALA B 28 -7.65 -23.18 20.09
N GLY B 29 -6.96 -24.31 20.04
CA GLY B 29 -6.46 -24.98 21.26
C GLY B 29 -5.50 -24.13 22.06
N VAL B 30 -4.80 -23.20 21.40
CA VAL B 30 -3.89 -22.29 22.13
C VAL B 30 -4.64 -21.32 23.06
N SER B 31 -5.90 -21.09 22.74
CA SER B 31 -6.73 -20.18 23.56
C SER B 31 -7.67 -20.86 24.57
N ALA B 32 -7.72 -22.17 24.53
CA ALA B 32 -8.57 -22.97 25.44
C ALA B 32 -8.39 -22.62 26.92
N GLU B 33 -7.14 -22.51 27.39
CA GLU B 33 -6.80 -22.16 28.80
C GLU B 33 -6.98 -20.69 29.10
N SER B 34 -7.38 -19.93 28.08
CA SER B 34 -7.82 -18.55 28.28
C SER B 34 -9.34 -18.49 28.57
N GLY B 35 -10.00 -19.63 28.66
CA GLY B 35 -11.51 -19.70 28.71
C GLY B 35 -12.24 -19.52 27.37
N VAL B 36 -11.57 -19.89 26.28
CA VAL B 36 -12.16 -19.76 24.95
C VAL B 36 -12.25 -21.22 24.45
N PRO B 37 -13.38 -21.91 24.67
CA PRO B 37 -13.36 -23.33 24.22
C PRO B 37 -13.32 -23.45 22.68
N THR B 38 -12.97 -24.63 22.18
CA THR B 38 -12.53 -24.76 20.79
C THR B 38 -13.64 -24.85 19.72
N GLY B 44 -21.00 -24.94 19.32
CA GLY B 44 -21.22 -23.73 20.15
C GLY B 44 -22.33 -22.86 19.55
N TYR B 45 -23.42 -22.70 20.33
CA TYR B 45 -24.59 -21.97 19.91
C TYR B 45 -24.53 -20.55 20.45
N TRP B 46 -24.92 -19.64 19.59
CA TRP B 46 -25.23 -18.26 19.96
C TRP B 46 -26.67 -18.12 19.52
N ARG B 47 -27.55 -17.98 20.50
CA ARG B 47 -29.00 -18.04 20.24
C ARG B 47 -29.33 -19.38 19.53
N LYS B 48 -30.10 -19.37 18.45
CA LYS B 48 -30.45 -20.65 17.80
C LYS B 48 -29.49 -21.02 16.66
N TRP B 49 -28.46 -20.20 16.46
CA TRP B 49 -27.51 -20.36 15.35
C TRP B 49 -26.13 -20.82 15.79
N GLN B 50 -25.51 -21.56 14.88
CA GLN B 50 -24.10 -21.84 15.01
C GLN B 50 -23.37 -20.95 14.01
N ALA B 51 -22.03 -20.96 14.08
CA ALA B 51 -21.23 -20.09 13.25
C ALA B 51 -21.49 -20.23 11.75
N GLN B 52 -21.78 -21.45 11.26
CA GLN B 52 -22.01 -21.62 9.82
C GLN B 52 -23.28 -20.90 9.32
N ASP B 53 -24.16 -20.53 10.26
CA ASP B 53 -25.39 -19.80 10.01
C ASP B 53 -25.14 -18.30 9.99
N LEU B 54 -23.99 -17.88 10.49
CA LEU B 54 -23.79 -16.48 10.83
C LEU B 54 -22.61 -15.86 10.12
N ALA B 55 -21.49 -16.59 10.13
CA ALA B 55 -20.24 -16.15 9.49
C ALA B 55 -20.24 -16.48 7.97
N THR B 56 -21.13 -15.82 7.24
CA THR B 56 -21.29 -16.00 5.79
C THR B 56 -21.71 -14.69 5.15
N PRO B 57 -21.24 -14.44 3.90
CA PRO B 57 -21.62 -13.20 3.21
C PRO B 57 -23.14 -13.13 2.99
N LEU B 58 -23.80 -14.29 2.86
CA LEU B 58 -25.27 -14.31 2.71
C LEU B 58 -26.03 -13.93 3.97
N ALA B 59 -25.64 -14.48 5.12
CA ALA B 59 -26.23 -14.03 6.38
C ALA B 59 -26.08 -12.51 6.64
N PHE B 60 -24.94 -11.96 6.24
CA PHE B 60 -24.65 -10.53 6.48
C PHE B 60 -25.49 -9.71 5.52
N ALA B 61 -25.67 -10.20 4.29
CA ALA B 61 -26.43 -9.47 3.32
C ALA B 61 -27.90 -9.44 3.77
N HIS B 62 -28.42 -10.55 4.30
CA HIS B 62 -29.83 -10.64 4.73
C HIS B 62 -30.15 -10.00 6.08
N ASN B 63 -29.20 -10.10 7.01
CA ASN B 63 -29.38 -9.55 8.35
C ASN B 63 -28.10 -8.98 8.90
N PRO B 64 -27.71 -7.77 8.44
CA PRO B 64 -26.44 -7.21 8.91
C PRO B 64 -26.47 -6.86 10.41
N SER B 65 -27.64 -6.50 10.96
CA SER B 65 -27.80 -6.30 12.41
C SER B 65 -27.50 -7.57 13.22
N ARG B 66 -28.11 -8.70 12.85
CA ARG B 66 -27.91 -9.95 13.58
C ARG B 66 -26.43 -10.38 13.61
N VAL B 67 -25.79 -10.27 12.46
CA VAL B 67 -24.41 -10.71 12.26
C VAL B 67 -23.49 -9.76 13.08
N TRP B 68 -23.76 -8.47 13.07
CA TRP B 68 -23.01 -7.53 14.00
C TRP B 68 -23.24 -7.73 15.48
N GLU B 69 -24.47 -8.03 15.91
CA GLU B 69 -24.75 -8.36 17.34
C GLU B 69 -23.85 -9.54 17.77
N PHE B 70 -23.75 -10.53 16.90
CA PHE B 70 -22.92 -11.66 17.16
C PHE B 70 -21.40 -11.29 17.24
N TYR B 71 -20.93 -10.47 16.32
CA TYR B 71 -19.50 -10.01 16.29
C TYR B 71 -19.20 -9.07 17.47
N HIS B 72 -20.15 -8.17 17.73
CA HIS B 72 -20.16 -7.41 18.96
C HIS B 72 -19.95 -8.25 20.23
N TYR B 73 -20.82 -9.26 20.44
CA TYR B 73 -20.73 -10.17 21.57
C TYR B 73 -19.32 -10.81 21.65
N ARG B 74 -18.84 -11.32 20.51
CA ARG B 74 -17.46 -11.92 20.47
C ARG B 74 -16.38 -10.91 20.83
N ARG B 75 -16.44 -9.71 20.21
CA ARG B 75 -15.53 -8.62 20.62
C ARG B 75 -15.56 -8.43 22.11
N GLU B 76 -16.76 -8.33 22.66
CA GLU B 76 -16.85 -7.96 24.09
C GLU B 76 -16.32 -9.05 25.00
N VAL B 77 -16.62 -10.31 24.67
CA VAL B 77 -16.16 -11.47 25.43
C VAL B 77 -14.63 -11.56 25.31
N GLY B 79 -12.49 -9.17 24.66
CA GLY B 79 -11.86 -8.06 25.34
C GLY B 79 -11.64 -8.29 26.81
N SER B 80 -12.43 -9.19 27.41
CA SER B 80 -12.30 -9.59 28.82
C SER B 80 -11.34 -10.77 28.99
N LYS B 81 -10.87 -11.39 27.89
CA LYS B 81 -9.97 -12.57 28.01
C LYS B 81 -8.51 -12.18 28.19
N GLU B 82 -7.75 -13.00 28.90
CA GLU B 82 -6.33 -12.71 29.13
C GLU B 82 -5.52 -13.79 28.39
N PRO B 83 -4.35 -13.43 27.82
CA PRO B 83 -3.50 -14.50 27.23
C PRO B 83 -3.11 -15.50 28.33
N ASN B 84 -2.94 -16.79 28.00
CA ASN B 84 -2.58 -17.81 28.98
C ASN B 84 -1.06 -18.07 28.91
N ALA B 85 -0.55 -19.00 29.72
CA ALA B 85 0.91 -19.25 29.72
C ALA B 85 1.43 -19.74 28.34
N GLY B 86 0.56 -20.39 27.55
CA GLY B 86 0.87 -20.75 26.12
C GLY B 86 1.23 -19.52 25.26
N HIS B 87 0.29 -18.57 25.15
CA HIS B 87 0.51 -17.33 24.40
C HIS B 87 1.75 -16.62 24.90
N ARG B 88 1.95 -16.59 26.23
CA ARG B 88 3.06 -15.87 26.87
C ARG B 88 4.43 -16.47 26.54
N ALA B 89 4.51 -17.79 26.61
CA ALA B 89 5.71 -18.54 26.25
C ALA B 89 6.12 -18.23 24.79
N ILE B 90 5.13 -18.09 23.91
CA ILE B 90 5.33 -17.79 22.49
C ILE B 90 5.82 -16.34 22.29
N ALA B 91 5.24 -15.38 23.01
CA ALA B 91 5.65 -13.98 22.97
C ALA B 91 7.04 -13.73 23.60
N GLU B 92 7.29 -14.29 24.77
CA GLU B 92 8.59 -14.20 25.43
C GLU B 92 9.68 -14.85 24.55
N CYS B 93 9.35 -15.96 23.90
CA CYS B 93 10.28 -16.63 23.00
C CYS B 93 10.76 -15.66 21.87
N GLU B 94 9.80 -15.00 21.22
CA GLU B 94 10.07 -13.98 20.18
C GLU B 94 10.95 -12.86 20.66
N THR B 95 10.64 -12.27 21.82
CA THR B 95 11.40 -11.08 22.23
C THR B 95 12.87 -11.46 22.53
N ARG B 96 13.03 -12.59 23.21
CA ARG B 96 14.31 -13.15 23.58
C ARG B 96 15.18 -13.54 22.37
N LEU B 97 14.62 -14.34 21.46
CA LEU B 97 15.29 -14.66 20.23
C LEU B 97 15.52 -13.41 19.37
N GLY B 98 14.61 -12.45 19.42
CA GLY B 98 14.71 -11.21 18.65
C GLY B 98 15.87 -10.30 19.07
N LYS B 99 16.41 -10.51 20.27
CA LYS B 99 17.60 -9.80 20.74
C LYS B 99 18.87 -10.41 20.13
N GLN B 100 18.75 -11.67 19.68
CA GLN B 100 19.84 -12.49 19.10
C GLN B 100 19.81 -12.52 17.54
N GLY B 101 18.97 -11.73 16.89
CA GLY B 101 18.91 -11.76 15.43
C GLY B 101 18.32 -13.05 14.91
N ARG B 102 17.54 -13.74 15.76
CA ARG B 102 16.82 -14.96 15.38
C ARG B 102 15.31 -14.65 15.25
N ARG B 103 14.66 -15.21 14.22
CA ARG B 103 13.26 -14.83 13.91
C ARG B 103 12.27 -15.87 14.47
N VAL B 104 11.17 -15.41 15.07
CA VAL B 104 10.03 -16.23 15.45
C VAL B 104 8.84 -15.49 14.88
N VAL B 105 8.00 -16.22 14.19
CA VAL B 105 6.78 -15.67 13.62
C VAL B 105 5.64 -16.63 14.00
N VAL B 106 4.51 -16.05 14.36
CA VAL B 106 3.28 -16.80 14.58
C VAL B 106 2.34 -16.63 13.38
N ILE B 107 1.90 -17.78 12.86
CA ILE B 107 0.84 -17.89 11.86
C ILE B 107 -0.39 -18.44 12.52
N THR B 108 -1.46 -17.64 12.65
CA THR B 108 -2.60 -18.10 13.49
C THR B 108 -3.86 -18.15 12.66
N GLN B 109 -4.67 -19.15 12.98
CA GLN B 109 -5.97 -19.28 12.42
C GLN B 109 -6.98 -18.50 13.28
N ASN B 110 -6.59 -18.08 14.49
CA ASN B 110 -7.53 -17.47 15.45
C ASN B 110 -7.78 -16.02 15.15
N ILE B 111 -8.97 -15.53 15.47
CA ILE B 111 -9.30 -14.13 15.21
C ILE B 111 -9.40 -13.33 16.53
N ASP B 112 -8.98 -13.97 17.63
CA ASP B 112 -9.22 -13.48 18.99
C ASP B 112 -8.22 -12.45 19.50
N GLU B 113 -7.10 -12.28 18.75
CA GLU B 113 -6.05 -11.30 19.03
C GLU B 113 -5.32 -11.56 20.37
N LEU B 114 -5.52 -12.71 20.99
CA LEU B 114 -4.80 -13.06 22.21
C LEU B 114 -3.27 -13.14 22.08
N HIS B 115 -2.75 -13.50 20.89
CA HIS B 115 -1.31 -13.42 20.62
C HIS B 115 -0.70 -12.01 20.72
N ARG B 116 -1.29 -11.06 20.00
CA ARG B 116 -1.00 -9.65 20.12
C ARG B 116 -1.11 -9.15 21.58
N LYS B 117 -2.18 -9.57 22.26
CA LYS B 117 -2.39 -9.18 23.67
C LYS B 117 -1.26 -9.67 24.58
N ALA B 118 -0.63 -10.78 24.19
CA ALA B 118 0.50 -11.36 24.92
C ALA B 118 1.83 -10.70 24.59
N GLY B 119 1.85 -9.87 23.55
CA GLY B 119 3.10 -9.21 23.12
C GLY B 119 3.72 -9.71 21.82
N THR B 120 3.12 -10.71 21.19
CA THR B 120 3.57 -11.16 19.88
C THR B 120 3.48 -10.02 18.86
N LYS B 121 4.62 -9.70 18.27
CA LYS B 121 4.69 -8.61 17.30
C LYS B 121 4.70 -9.15 15.88
N ASN B 122 5.32 -10.32 15.68
CA ASN B 122 5.39 -10.95 14.34
C ASN B 122 4.23 -11.96 14.20
N LEU B 123 3.10 -11.53 13.62
CA LEU B 123 1.86 -12.32 13.59
C LEU B 123 1.24 -12.23 12.21
N LEU B 124 0.94 -13.37 11.58
CA LEU B 124 0.12 -13.43 10.37
C LEU B 124 -1.21 -14.03 10.80
N GLU B 125 -2.26 -13.21 10.76
CA GLU B 125 -3.62 -13.62 11.11
C GLU B 125 -4.37 -13.99 9.84
N ILE B 126 -4.40 -15.27 9.47
CA ILE B 126 -4.83 -15.67 8.12
C ILE B 126 -6.35 -15.65 7.97
N HIS B 127 -7.05 -15.55 9.09
CA HIS B 127 -8.52 -15.52 9.05
C HIS B 127 -9.08 -14.17 9.43
N GLY B 128 -8.21 -13.16 9.54
CA GLY B 128 -8.66 -11.83 9.93
C GLY B 128 -8.62 -11.65 11.44
N SER B 129 -9.40 -10.68 11.92
CA SER B 129 -9.37 -10.30 13.34
C SER B 129 -10.72 -9.73 13.76
N LEU B 130 -11.13 -10.03 15.00
CA LEU B 130 -12.35 -9.47 15.62
C LEU B 130 -12.17 -7.94 15.82
N PHE B 131 -10.94 -7.50 15.89
CA PHE B 131 -10.63 -6.09 16.15
C PHE B 131 -10.16 -5.31 14.92
N LYS B 132 -10.62 -5.78 13.75
CA LYS B 132 -10.47 -5.06 12.50
C LYS B 132 -11.81 -5.00 11.75
N THR B 133 -12.00 -3.92 11.02
CA THR B 133 -13.20 -3.70 10.20
C THR B 133 -12.83 -3.54 8.73
N ARG B 134 -13.80 -3.79 7.85
CA ARG B 134 -13.58 -3.55 6.44
C ARG B 134 -14.80 -2.88 5.83
N CYS B 135 -14.57 -1.81 5.05
CA CYS B 135 -15.72 -1.11 4.48
C CYS B 135 -16.24 -1.87 3.28
N THR B 136 -17.53 -2.21 3.31
CA THR B 136 -18.12 -2.90 2.17
C THR B 136 -18.24 -2.00 0.91
N SER B 137 -18.11 -0.69 1.06
CA SER B 137 -18.10 0.22 -0.11
C SER B 137 -16.72 0.48 -0.68
N CYS B 138 -15.86 1.12 0.11
CA CYS B 138 -14.55 1.51 -0.39
C CYS B 138 -13.44 0.49 -0.08
N GLY B 139 -13.75 -0.55 0.69
CA GLY B 139 -12.77 -1.61 0.96
C GLY B 139 -11.61 -1.33 1.89
N VAL B 140 -11.61 -0.17 2.55
CA VAL B 140 -10.60 0.20 3.57
C VAL B 140 -10.69 -0.65 4.85
N VAL B 141 -9.54 -1.15 5.31
CA VAL B 141 -9.44 -1.99 6.48
C VAL B 141 -8.89 -1.10 7.60
N ALA B 142 -9.42 -1.22 8.82
CA ALA B 142 -8.91 -0.48 10.00
C ALA B 142 -8.90 -1.32 11.26
N GLU B 143 -8.07 -0.97 12.25
CA GLU B 143 -8.20 -1.58 13.55
C GLU B 143 -9.31 -0.86 14.31
N ASN B 144 -9.98 -1.60 15.18
CA ASN B 144 -11.07 -1.05 16.01
C ASN B 144 -11.18 -1.78 17.30
N TYR B 145 -10.84 -1.08 18.39
CA TYR B 145 -10.82 -1.65 19.75
C TYR B 145 -11.91 -1.06 20.64
N LYS B 146 -12.75 -0.23 20.07
CA LYS B 146 -13.75 0.45 20.88
C LYS B 146 -14.87 -0.48 21.41
N SER B 147 -15.19 -0.27 22.68
CA SER B 147 -16.24 -1.01 23.32
C SER B 147 -17.27 0.01 23.88
N PRO B 148 -18.49 0.02 23.30
CA PRO B 148 -18.94 -0.77 22.14
C PRO B 148 -18.45 -0.14 20.82
N ILE B 149 -18.43 -0.90 19.71
CA ILE B 149 -17.98 -0.39 18.46
C ILE B 149 -18.84 0.77 17.91
N CYS B 150 -20.15 0.70 18.19
CA CYS B 150 -21.03 1.86 17.94
C CYS B 150 -22.10 1.92 19.02
N PRO B 151 -22.65 3.12 19.30
CA PRO B 151 -23.63 3.28 20.39
C PRO B 151 -24.83 2.29 20.33
N ALA B 152 -25.33 1.99 19.14
CA ALA B 152 -26.54 1.16 18.99
C ALA B 152 -26.27 -0.29 19.42
N LEU B 153 -24.99 -0.70 19.37
CA LEU B 153 -24.61 -2.05 19.76
C LEU B 153 -24.38 -2.18 21.25
N SER B 154 -24.28 -1.04 21.97
CA SER B 154 -24.08 -1.07 23.40
C SER B 154 -25.10 -2.02 24.06
N GLY B 155 -24.57 -3.01 24.78
CA GLY B 155 -25.39 -3.93 25.55
C GLY B 155 -26.08 -4.98 24.71
N LYS B 156 -25.82 -5.01 23.42
CA LYS B 156 -26.52 -5.97 22.56
C LYS B 156 -25.68 -7.23 22.37
N GLY B 157 -26.17 -8.18 21.58
CA GLY B 157 -25.44 -9.43 21.34
C GLY B 157 -25.54 -10.55 22.38
N ALA B 158 -26.28 -10.33 23.47
CA ALA B 158 -26.34 -11.32 24.55
C ALA B 158 -26.78 -12.66 23.99
N PRO B 159 -26.07 -13.72 24.40
CA PRO B 159 -26.28 -14.98 23.77
C PRO B 159 -27.40 -15.81 24.36
N GLU B 160 -27.87 -15.45 25.56
CA GLU B 160 -28.75 -16.33 26.34
C GLU B 160 -30.10 -16.57 25.64
N PRO B 161 -30.76 -17.73 25.92
CA PRO B 161 -32.15 -18.00 25.54
C PRO B 161 -32.99 -16.84 26.04
N GLY B 162 -33.95 -16.36 25.26
CA GLY B 162 -34.79 -15.21 25.68
C GLY B 162 -34.35 -13.92 25.00
N THR B 163 -33.14 -13.95 24.43
CA THR B 163 -32.60 -12.77 23.81
C THR B 163 -33.09 -12.55 22.38
N GLN B 164 -33.39 -11.29 22.08
CA GLN B 164 -34.05 -10.89 20.85
C GLN B 164 -33.12 -10.26 19.82
N ASP B 165 -33.40 -10.48 18.53
CA ASP B 165 -32.76 -9.72 17.47
C ASP B 165 -32.91 -8.22 17.82
N ALA B 166 -31.82 -7.48 17.79
CA ALA B 166 -31.91 -6.05 18.07
C ALA B 166 -32.52 -5.24 16.95
N SER B 167 -32.48 -5.78 15.73
CA SER B 167 -32.97 -5.12 14.53
C SER B 167 -32.54 -3.65 14.42
N ILE B 168 -31.24 -3.43 14.60
CA ILE B 168 -30.66 -2.11 14.45
C ILE B 168 -30.77 -1.69 12.97
N PRO B 169 -31.33 -0.49 12.72
CA PRO B 169 -31.32 0.09 11.37
C PRO B 169 -29.89 0.10 10.80
N VAL B 170 -29.73 -0.21 9.51
CA VAL B 170 -28.40 -0.38 8.92
C VAL B 170 -27.54 0.88 9.04
N GLU B 171 -28.18 2.04 8.86
CA GLU B 171 -27.52 3.34 9.01
C GLU B 171 -26.91 3.50 10.41
N LYS B 172 -27.37 2.71 11.39
CA LYS B 172 -26.90 2.83 12.82
C LYS B 172 -25.90 1.77 13.32
N LEU B 173 -25.61 0.82 12.45
CA LEU B 173 -24.53 -0.16 12.65
C LEU B 173 -23.21 0.54 12.31
N PRO B 174 -22.06 -0.09 12.64
CA PRO B 174 -20.73 0.50 12.30
C PRO B 174 -20.55 1.01 10.86
N ARG B 175 -20.12 2.26 10.75
CA ARG B 175 -20.04 2.95 9.45
C ARG B 175 -18.66 3.50 9.29
N CYS B 176 -18.25 3.59 8.01
CA CYS B 176 -16.94 4.00 7.60
C CYS B 176 -16.73 5.49 7.81
N GLU B 177 -15.56 5.84 8.34
CA GLU B 177 -15.20 7.21 8.67
C GLU B 177 -14.33 7.91 7.62
N GLU B 178 -13.99 7.21 6.54
CA GLU B 178 -13.30 7.82 5.41
C GLU B 178 -14.17 8.99 4.91
N ALA B 179 -13.53 10.13 4.62
CA ALA B 179 -14.28 11.36 4.26
C ALA B 179 -15.17 11.15 3.06
N GLY B 180 -16.45 11.39 3.23
CA GLY B 180 -17.41 11.18 2.12
C GLY B 180 -17.63 9.71 1.72
N CYS B 181 -17.40 8.76 2.65
CA CYS B 181 -17.76 7.38 2.35
C CYS B 181 -19.02 7.02 3.08
N GLY B 182 -18.96 6.87 4.40
CA GLY B 182 -20.10 6.52 5.21
C GLY B 182 -20.66 5.11 4.99
N GLY B 183 -19.90 4.26 4.30
CA GLY B 183 -20.33 2.89 3.94
C GLY B 183 -20.58 1.99 5.16
N LEU B 184 -21.29 0.88 4.93
CA LEU B 184 -21.48 -0.08 5.98
C LEU B 184 -20.19 -0.93 6.21
N LEU B 185 -19.76 -1.01 7.45
CA LEU B 185 -18.59 -1.80 7.81
C LEU B 185 -19.05 -3.24 8.08
N ARG B 186 -18.16 -4.17 7.79
CA ARG B 186 -18.22 -5.56 8.23
C ARG B 186 -16.98 -5.88 9.09
N PRO B 187 -17.07 -6.96 9.90
CA PRO B 187 -15.86 -7.55 10.52
C PRO B 187 -14.89 -7.98 9.41
N HIS B 188 -13.62 -7.66 9.60
CA HIS B 188 -12.56 -8.06 8.69
C HIS B 188 -12.13 -9.47 9.11
N VAL B 189 -12.97 -10.45 8.78
CA VAL B 189 -12.72 -11.86 9.07
C VAL B 189 -13.08 -12.68 7.83
N VAL B 190 -12.45 -13.85 7.64
CA VAL B 190 -12.74 -14.64 6.46
C VAL B 190 -13.94 -15.48 6.83
N TRP B 191 -15.00 -15.33 6.04
CA TRP B 191 -16.28 -16.00 6.35
C TRP B 191 -16.31 -17.31 5.56
N PHE B 192 -17.24 -18.22 5.92
CA PHE B 192 -17.41 -19.45 5.15
C PHE B 192 -17.68 -19.10 3.70
N GLY B 193 -16.97 -19.82 2.83
CA GLY B 193 -17.14 -19.62 1.40
C GLY B 193 -16.22 -18.52 0.86
N GLU B 194 -15.50 -17.84 1.73
CA GLU B 194 -14.66 -16.73 1.26
C GLU B 194 -13.23 -17.17 1.13
N ASN B 195 -12.54 -16.58 0.15
CA ASN B 195 -11.12 -16.80 -0.06
C ASN B 195 -10.28 -16.06 0.98
N LEU B 196 -9.19 -16.71 1.40
CA LEU B 196 -8.16 -16.02 2.18
C LEU B 196 -7.45 -14.99 1.28
N ASP B 197 -6.86 -13.98 1.90
CA ASP B 197 -6.22 -12.87 1.18
C ASP B 197 -4.92 -13.35 0.52
N PRO B 198 -4.83 -13.31 -0.84
CA PRO B 198 -3.61 -13.62 -1.60
C PRO B 198 -2.31 -13.05 -1.00
N ALA B 199 -2.34 -11.83 -0.50
CA ALA B 199 -1.11 -11.22 -0.04
C ALA B 199 -0.61 -11.81 1.31
N ILE B 200 -1.55 -12.20 2.18
CA ILE B 200 -1.18 -12.86 3.43
C ILE B 200 -0.65 -14.28 3.12
N LEU B 201 -1.28 -14.97 2.19
CA LEU B 201 -0.80 -16.32 1.83
C LEU B 201 0.61 -16.32 1.21
N GLU B 202 0.97 -15.27 0.45
CA GLU B 202 2.34 -15.05 -0.04
C GLU B 202 3.33 -14.86 1.13
N GLU B 203 2.94 -14.09 2.15
CA GLU B 203 3.74 -13.91 3.37
C GLU B 203 3.95 -15.25 4.10
N VAL B 204 2.87 -16.03 4.22
CA VAL B 204 2.93 -17.35 4.88
C VAL B 204 3.95 -18.21 4.14
N ASP B 205 3.81 -18.30 2.82
CA ASP B 205 4.72 -19.08 2.01
C ASP B 205 6.21 -18.74 2.17
N ARG B 206 6.54 -17.45 2.26
CA ARG B 206 7.91 -17.01 2.57
C ARG B 206 8.40 -17.52 3.92
N GLU B 207 7.54 -17.45 4.92
CA GLU B 207 7.88 -17.87 6.26
C GLU B 207 8.06 -19.39 6.28
N LEU B 208 7.14 -20.12 5.62
CA LEU B 208 7.22 -21.62 5.56
C LEU B 208 8.47 -22.15 4.81
N ALA B 209 8.87 -21.39 3.79
CA ALA B 209 9.97 -21.75 2.92
C ALA B 209 11.29 -21.55 3.63
N HIS B 210 11.36 -20.57 4.52
CA HIS B 210 12.64 -20.25 5.13
C HIS B 210 12.80 -20.71 6.56
N CYS B 211 11.75 -21.23 7.18
CA CYS B 211 11.88 -21.60 8.58
C CYS B 211 12.84 -22.83 8.78
N ASP B 212 13.56 -22.89 9.90
CA ASP B 212 14.35 -24.10 10.19
C ASP B 212 13.79 -24.95 11.33
N LEU B 213 12.72 -24.45 11.97
CA LEU B 213 11.99 -25.20 13.00
C LEU B 213 10.51 -24.76 12.96
N CYS B 214 9.60 -25.71 13.06
CA CYS B 214 8.18 -25.37 13.03
C CYS B 214 7.43 -25.98 14.21
N LEU B 215 6.53 -25.20 14.82
CA LEU B 215 5.68 -25.70 15.92
C LEU B 215 4.24 -25.60 15.44
N VAL B 216 3.41 -26.62 15.68
CA VAL B 216 2.01 -26.62 15.30
C VAL B 216 1.19 -26.85 16.58
N VAL B 217 0.50 -25.82 17.05
CA VAL B 217 0.00 -25.71 18.44
C VAL B 217 -1.55 -25.53 18.45
N GLY B 218 -2.26 -26.46 19.07
CA GLY B 218 -3.68 -26.31 19.30
C GLY B 218 -4.49 -26.32 18.02
N THR B 219 -4.06 -27.04 17.01
CA THR B 219 -4.94 -27.12 15.82
C THR B 219 -5.30 -28.55 15.48
N SER B 220 -6.50 -28.76 14.93
CA SER B 220 -6.98 -30.10 14.59
C SER B 220 -6.31 -30.63 13.31
N SER B 221 -5.60 -29.74 12.59
CA SER B 221 -4.91 -30.03 11.31
C SER B 221 -5.73 -30.68 10.18
N VAL B 222 -6.98 -30.29 10.06
CA VAL B 222 -7.83 -30.83 8.97
C VAL B 222 -8.51 -29.75 8.12
N VAL B 223 -8.52 -28.54 8.65
CA VAL B 223 -9.12 -27.40 7.91
C VAL B 223 -8.08 -26.67 7.03
N TYR B 224 -8.39 -26.51 5.75
CA TYR B 224 -7.52 -25.89 4.78
C TYR B 224 -7.67 -24.39 4.74
N PRO B 225 -6.61 -23.68 4.24
CA PRO B 225 -5.30 -24.20 3.85
C PRO B 225 -4.30 -24.50 4.97
N ALA B 226 -4.54 -24.03 6.20
CA ALA B 226 -3.54 -24.17 7.25
C ALA B 226 -3.12 -25.61 7.51
N ALA B 227 -4.07 -26.55 7.43
CA ALA B 227 -3.76 -28.00 7.58
C ALA B 227 -2.49 -28.49 6.83
N PHE B 229 0.17 -26.39 5.82
CA PHE B 229 1.38 -25.56 6.13
C PHE B 229 2.53 -26.37 6.77
N ALA B 230 2.24 -27.01 7.92
CA ALA B 230 3.25 -27.84 8.60
C ALA B 230 3.76 -29.05 7.79
N PRO B 231 2.85 -29.84 7.16
CA PRO B 231 3.32 -30.90 6.23
C PRO B 231 4.28 -30.37 5.16
N GLN B 232 4.04 -29.18 4.64
CA GLN B 232 5.00 -28.54 3.70
C GLN B 232 6.41 -28.37 4.23
N VAL B 233 6.51 -27.84 5.44
CA VAL B 233 7.79 -27.65 6.13
C VAL B 233 8.45 -29.01 6.37
N ALA B 234 7.68 -30.00 6.82
CA ALA B 234 8.23 -31.32 7.16
C ALA B 234 8.75 -32.03 5.91
N ALA B 235 8.08 -31.84 4.79
CA ALA B 235 8.54 -32.31 3.47
C ALA B 235 9.92 -31.80 2.99
N ARG B 236 10.37 -30.65 3.51
CA ARG B 236 11.78 -30.17 3.28
C ARG B 236 12.86 -30.77 4.23
N GLY B 237 12.48 -31.75 5.04
CA GLY B 237 13.35 -32.25 6.11
C GLY B 237 13.44 -31.34 7.32
N VAL B 238 12.56 -30.34 7.46
CA VAL B 238 12.61 -29.48 8.70
C VAL B 238 11.85 -30.16 9.86
N PRO B 239 12.38 -30.12 11.10
CA PRO B 239 11.61 -30.66 12.24
C PRO B 239 10.32 -29.85 12.51
N VAL B 240 9.19 -30.58 12.57
CA VAL B 240 7.92 -30.00 13.04
C VAL B 240 7.52 -30.70 14.34
N ALA B 241 7.14 -29.87 15.34
CA ALA B 241 6.75 -30.33 16.66
C ALA B 241 5.28 -29.97 16.93
N GLU B 242 4.42 -30.97 17.07
CA GLU B 242 2.97 -30.76 17.32
C GLU B 242 2.69 -30.70 18.83
N PHE B 243 2.02 -29.64 19.28
CA PHE B 243 1.64 -29.43 20.69
C PHE B 243 0.13 -29.45 20.74
N ASN B 244 -0.44 -30.52 21.30
CA ASN B 244 -1.89 -30.75 21.25
C ASN B 244 -2.27 -31.74 22.38
N THR B 245 -3.49 -31.62 22.89
CA THR B 245 -3.97 -32.46 23.98
C THR B 245 -4.18 -33.87 23.49
N GLU B 246 -4.30 -34.07 22.17
CA GLU B 246 -4.49 -35.37 21.52
C GLU B 246 -3.76 -35.50 20.17
N THR B 247 -3.63 -36.71 19.64
CA THR B 247 -3.09 -36.84 18.30
C THR B 247 -4.14 -36.43 17.27
N THR B 248 -3.69 -36.08 16.07
CA THR B 248 -4.53 -35.57 15.01
C THR B 248 -4.19 -36.40 13.80
N PRO B 249 -4.99 -36.30 12.71
CA PRO B 249 -4.64 -36.99 11.46
C PRO B 249 -3.30 -36.56 10.81
N ALA B 250 -2.67 -35.50 11.32
CA ALA B 250 -1.37 -35.06 10.76
C ALA B 250 -0.15 -35.46 11.60
N THR B 251 -0.43 -35.98 12.80
CA THR B 251 0.59 -36.31 13.78
C THR B 251 1.75 -37.13 13.20
N ASN B 252 1.43 -38.11 12.36
CA ASN B 252 2.49 -38.99 11.86
C ASN B 252 3.37 -38.35 10.76
N ARG B 253 2.98 -37.18 10.26
CA ARG B 253 3.83 -36.43 9.32
C ARG B 253 4.96 -35.70 10.05
N PHE B 254 4.90 -35.62 11.38
CA PHE B 254 5.76 -34.68 12.12
C PHE B 254 6.88 -35.38 12.87
N ARG B 255 7.93 -34.62 13.15
CA ARG B 255 9.07 -35.09 13.91
C ARG B 255 8.78 -35.30 15.39
N PHE B 256 7.98 -34.43 16.01
CA PHE B 256 7.69 -34.50 17.46
C PHE B 256 6.20 -34.38 17.73
N HIS B 257 5.74 -35.10 18.74
CA HIS B 257 4.39 -34.93 19.30
C HIS B 257 4.54 -34.84 20.80
N PHE B 258 4.16 -33.69 21.35
CA PHE B 258 4.14 -33.44 22.79
C PHE B 258 2.71 -33.30 23.29
N GLN B 259 2.24 -34.33 24.02
CA GLN B 259 0.84 -34.37 24.35
C GLN B 259 0.58 -33.61 25.62
N GLY B 260 -0.50 -32.83 25.63
CA GLY B 260 -0.86 -32.10 26.82
C GLY B 260 -1.37 -30.70 26.56
N PRO B 261 -1.76 -30.00 27.64
CA PRO B 261 -2.18 -28.62 27.43
C PRO B 261 -0.98 -27.79 27.03
N CYS B 262 -1.13 -26.92 26.04
CA CYS B 262 0.04 -26.16 25.59
C CYS B 262 0.51 -25.11 26.61
N GLY B 263 -0.36 -24.79 27.56
CA GLY B 263 -0.03 -23.81 28.60
C GLY B 263 0.97 -24.44 29.59
N THR B 264 1.06 -25.76 29.53
CA THR B 264 1.98 -26.60 30.28
C THR B 264 3.24 -26.92 29.42
N THR B 265 3.07 -27.49 28.24
CA THR B 265 4.21 -27.96 27.40
C THR B 265 5.06 -26.84 26.72
N LEU B 266 4.42 -25.75 26.28
CA LEU B 266 5.15 -24.62 25.64
C LEU B 266 6.10 -23.84 26.53
N PRO B 267 5.69 -23.55 27.80
CA PRO B 267 6.70 -22.96 28.70
C PRO B 267 7.98 -23.83 28.88
N GLU B 268 7.81 -25.16 28.95
CA GLU B 268 8.91 -26.11 28.96
C GLU B 268 9.70 -26.03 27.64
N ALA B 269 8.99 -26.16 26.51
CA ALA B 269 9.65 -26.24 25.17
C ALA B 269 10.41 -24.97 24.75
N LEU B 270 9.86 -23.81 25.07
CA LEU B 270 10.35 -22.51 24.63
C LEU B 270 11.14 -21.74 25.68
N ALA B 271 11.50 -22.41 26.77
CA ALA B 271 12.25 -21.85 27.88
C ALA B 271 13.62 -21.31 27.49
N PRO C 5 32.86 -22.25 -25.53
CA PRO C 5 31.44 -21.95 -25.70
C PRO C 5 31.03 -20.50 -25.39
N SER C 6 29.77 -20.17 -25.65
CA SER C 6 29.23 -18.83 -25.42
C SER C 6 29.21 -18.37 -23.93
N SER C 7 29.58 -17.10 -23.68
CA SER C 7 29.47 -16.42 -22.37
C SER C 7 28.26 -15.51 -22.35
N SER C 8 27.41 -15.60 -23.37
CA SER C 8 26.28 -14.67 -23.45
C SER C 8 25.09 -15.01 -22.52
N ALA C 10 22.66 -13.02 -22.07
CA ALA C 10 21.49 -12.60 -22.86
C ALA C 10 20.87 -13.66 -23.80
N ASP C 11 21.68 -14.37 -24.59
CA ASP C 11 21.20 -15.51 -25.41
C ASP C 11 20.71 -16.67 -24.52
N PHE C 12 21.47 -16.98 -23.46
CA PHE C 12 20.96 -17.93 -22.48
C PHE C 12 19.61 -17.46 -21.92
N ARG C 13 19.50 -16.20 -21.52
CA ARG C 13 18.20 -15.71 -20.99
C ARG C 13 17.04 -15.80 -22.01
N LYS C 14 17.37 -15.74 -23.32
CA LYS C 14 16.37 -15.93 -24.39
C LYS C 14 15.81 -17.36 -24.34
N PHE C 15 16.73 -18.33 -24.29
CA PHE C 15 16.37 -19.74 -24.19
C PHE C 15 15.57 -20.06 -22.95
N PHE C 16 16.02 -19.52 -21.81
CA PHE C 16 15.38 -19.72 -20.50
C PHE C 16 13.95 -19.16 -20.45
N ALA C 17 13.72 -18.06 -21.17
CA ALA C 17 12.38 -17.47 -21.19
C ALA C 17 11.35 -18.40 -21.85
N LYS C 18 11.79 -19.15 -22.85
CA LYS C 18 10.90 -20.06 -23.58
C LYS C 18 10.83 -21.50 -23.07
N ALA C 19 11.86 -21.97 -22.35
CA ALA C 19 11.99 -23.39 -21.96
C ALA C 19 10.83 -23.94 -21.11
N LYS C 20 10.31 -25.08 -21.55
CA LYS C 20 9.18 -25.77 -20.91
C LYS C 20 9.62 -26.89 -19.92
N HIS C 21 10.73 -27.55 -20.24
CA HIS C 21 11.23 -28.64 -19.42
C HIS C 21 12.73 -28.43 -19.17
N ILE C 22 13.05 -27.85 -18.01
CA ILE C 22 14.44 -27.60 -17.68
C ILE C 22 15.01 -28.73 -16.80
N VAL C 23 16.14 -29.29 -17.20
CA VAL C 23 16.87 -30.23 -16.31
C VAL C 23 18.12 -29.51 -15.76
N ILE C 24 18.26 -29.51 -14.45
CA ILE C 24 19.45 -29.01 -13.81
C ILE C 24 20.20 -30.22 -13.22
N ILE C 25 21.41 -30.43 -13.69
CA ILE C 25 22.36 -31.44 -13.11
C ILE C 25 23.32 -30.75 -12.18
N SER C 26 23.32 -31.15 -10.91
CA SER C 26 24.25 -30.58 -9.93
C SER C 26 25.28 -31.56 -9.33
N GLY C 27 26.44 -30.99 -8.99
CA GLY C 27 27.53 -31.63 -8.29
C GLY C 27 27.89 -30.82 -7.05
N ALA C 28 29.01 -31.18 -6.46
CA ALA C 28 29.43 -30.69 -5.18
C ALA C 28 29.75 -29.18 -5.22
N GLY C 29 30.09 -28.67 -6.42
CA GLY C 29 30.33 -27.24 -6.56
C GLY C 29 29.12 -26.38 -6.21
N VAL C 30 27.89 -26.90 -6.43
CA VAL C 30 26.67 -26.17 -5.99
C VAL C 30 26.58 -25.98 -4.43
N SER C 31 27.30 -26.77 -3.65
CA SER C 31 27.24 -26.64 -2.17
C SER C 31 28.49 -26.09 -1.59
N ALA C 32 29.45 -25.82 -2.47
CA ALA C 32 30.76 -25.25 -2.08
C ALA C 32 30.58 -23.99 -1.25
N GLU C 33 29.70 -23.10 -1.68
CA GLU C 33 29.52 -21.82 -0.95
C GLU C 33 28.68 -21.95 0.30
N SER C 34 28.13 -23.13 0.55
CA SER C 34 27.58 -23.47 1.87
C SER C 34 28.66 -23.97 2.89
N GLY C 35 29.89 -24.18 2.42
CA GLY C 35 31.01 -24.64 3.26
C GLY C 35 31.14 -26.15 3.23
N VAL C 36 30.51 -26.77 2.25
CA VAL C 36 30.61 -28.19 2.11
C VAL C 36 31.76 -28.45 1.12
N PRO C 37 32.80 -29.21 1.54
CA PRO C 37 33.92 -29.45 0.66
C PRO C 37 33.53 -30.19 -0.62
N THR C 38 34.31 -29.98 -1.67
CA THR C 38 34.10 -30.71 -2.92
C THR C 38 34.93 -32.02 -2.84
N PHE C 39 34.89 -32.81 -3.90
CA PHE C 39 35.59 -34.10 -3.90
C PHE C 39 37.00 -33.97 -4.44
N ARG C 40 37.13 -33.38 -5.63
CA ARG C 40 38.43 -33.25 -6.31
C ARG C 40 39.23 -32.02 -5.86
N TYR C 45 40.81 -36.56 3.48
CA TYR C 45 40.99 -37.62 4.47
C TYR C 45 40.10 -37.50 5.74
N TRP C 46 39.78 -38.65 6.34
CA TRP C 46 39.11 -38.71 7.65
C TRP C 46 39.93 -39.63 8.52
N ARG C 47 40.47 -39.07 9.61
CA ARG C 47 41.53 -39.74 10.37
C ARG C 47 42.64 -40.20 9.42
N LYS C 48 43.05 -41.45 9.48
CA LYS C 48 44.09 -41.90 8.57
C LYS C 48 43.61 -42.36 7.19
N TRP C 49 42.29 -42.35 6.94
CA TRP C 49 41.74 -42.97 5.71
C TRP C 49 41.20 -42.03 4.64
N GLN C 50 40.95 -42.61 3.47
CA GLN C 50 40.24 -41.93 2.40
C GLN C 50 38.83 -42.52 2.33
N ALA C 51 37.90 -41.81 1.70
CA ALA C 51 36.54 -42.32 1.52
C ALA C 51 36.49 -43.68 0.87
N GLN C 52 37.39 -43.96 -0.08
CA GLN C 52 37.40 -45.26 -0.74
C GLN C 52 37.83 -46.42 0.18
N ASP C 53 38.41 -46.11 1.35
CA ASP C 53 38.70 -47.13 2.38
C ASP C 53 37.51 -47.39 3.34
N LEU C 54 36.53 -46.51 3.31
CA LEU C 54 35.45 -46.54 4.29
C LEU C 54 34.10 -46.73 3.63
N ALA C 55 33.85 -45.93 2.60
CA ALA C 55 32.54 -45.97 1.94
C ALA C 55 32.46 -47.10 0.95
N THR C 56 32.49 -48.34 1.48
CA THR C 56 32.37 -49.55 0.66
C THR C 56 31.65 -50.67 1.39
N PRO C 57 30.95 -51.54 0.63
CA PRO C 57 30.27 -52.62 1.40
C PRO C 57 31.25 -53.62 2.10
N LEU C 58 32.41 -53.89 1.50
CA LEU C 58 33.42 -54.71 2.16
C LEU C 58 33.84 -54.06 3.47
N ALA C 59 34.09 -52.75 3.44
CA ALA C 59 34.49 -52.00 4.63
C ALA C 59 33.46 -52.04 5.77
N PHE C 60 32.20 -51.95 5.37
CA PHE C 60 31.10 -51.91 6.31
C PHE C 60 30.84 -53.29 6.90
N ALA C 61 31.08 -54.36 6.13
CA ALA C 61 30.97 -55.73 6.63
C ALA C 61 32.08 -56.06 7.65
N HIS C 62 33.27 -55.53 7.43
CA HIS C 62 34.42 -55.79 8.34
C HIS C 62 34.45 -54.89 9.57
N ASN C 63 33.96 -53.64 9.43
CA ASN C 63 34.02 -52.71 10.55
C ASN C 63 32.87 -51.70 10.52
N PRO C 64 31.67 -52.17 10.84
CA PRO C 64 30.49 -51.28 10.74
C PRO C 64 30.58 -50.08 11.65
N SER C 65 31.29 -50.23 12.76
CA SER C 65 31.34 -49.15 13.70
C SER C 65 32.15 -47.99 13.13
N ARG C 66 33.27 -48.32 12.47
CA ARG C 66 34.16 -47.30 11.92
C ARG C 66 33.46 -46.57 10.80
N VAL C 67 32.78 -47.33 9.93
CA VAL C 67 32.05 -46.75 8.79
C VAL C 67 30.91 -45.86 9.34
N TRP C 68 30.24 -46.34 10.40
CA TRP C 68 29.24 -45.48 11.09
C TRP C 68 29.79 -44.22 11.76
N GLU C 69 30.99 -44.28 12.32
CA GLU C 69 31.60 -43.07 12.87
C GLU C 69 31.87 -42.01 11.80
N PHE C 70 32.39 -42.47 10.67
CA PHE C 70 32.55 -41.68 9.46
C PHE C 70 31.24 -41.05 8.98
N TYR C 71 30.16 -41.82 8.89
CA TYR C 71 28.89 -41.24 8.43
C TYR C 71 28.25 -40.33 9.43
N HIS C 72 28.47 -40.62 10.71
CA HIS C 72 28.01 -39.77 11.76
C HIS C 72 28.72 -38.39 11.65
N TYR C 73 30.06 -38.39 11.64
CA TYR C 73 30.86 -37.19 11.34
C TYR C 73 30.22 -36.37 10.15
N ARG C 74 30.00 -37.03 8.99
CA ARG C 74 29.43 -36.37 7.83
C ARG C 74 28.03 -35.78 8.05
N ARG C 75 27.15 -36.58 8.67
CA ARG C 75 25.82 -36.10 9.14
C ARG C 75 25.88 -34.86 10.05
N GLU C 76 26.73 -34.92 11.08
CA GLU C 76 26.89 -33.84 12.04
C GLU C 76 27.49 -32.54 11.43
N VAL C 77 28.52 -32.63 10.58
CA VAL C 77 29.04 -31.53 9.71
C VAL C 77 27.93 -30.80 8.92
N GLY C 79 24.71 -30.55 9.65
CA GLY C 79 23.79 -29.88 10.56
C GLY C 79 24.03 -28.40 10.73
N SER C 80 25.28 -27.98 10.58
CA SER C 80 25.59 -26.57 10.75
C SER C 80 25.48 -25.77 9.45
N LYS C 81 25.09 -26.45 8.36
CA LYS C 81 25.11 -25.88 6.99
C LYS C 81 23.74 -25.50 6.47
N GLU C 82 23.70 -24.38 5.75
CA GLU C 82 22.45 -23.86 5.19
C GLU C 82 22.49 -23.87 3.64
N PRO C 83 21.34 -23.95 2.97
CA PRO C 83 21.40 -23.75 1.51
C PRO C 83 22.00 -22.36 1.15
N ASN C 84 22.67 -22.28 0.02
CA ASN C 84 23.22 -20.97 -0.39
C ASN C 84 22.33 -20.34 -1.49
N ALA C 85 22.74 -19.18 -2.03
CA ALA C 85 21.96 -18.44 -3.07
C ALA C 85 21.74 -19.23 -4.37
N GLY C 86 22.69 -20.11 -4.70
CA GLY C 86 22.51 -21.06 -5.82
C GLY C 86 21.40 -22.06 -5.59
N HIS C 87 21.44 -22.81 -4.49
CA HIS C 87 20.32 -23.71 -4.13
C HIS C 87 18.98 -22.93 -4.08
N ARG C 88 18.99 -21.73 -3.48
CA ARG C 88 17.75 -20.91 -3.45
C ARG C 88 17.21 -20.53 -4.87
N ALA C 89 18.07 -20.01 -5.75
CA ALA C 89 17.66 -19.59 -7.11
C ALA C 89 17.03 -20.78 -7.79
N ILE C 90 17.70 -21.91 -7.70
CA ILE C 90 17.22 -23.19 -8.24
C ILE C 90 15.83 -23.54 -7.71
N ALA C 91 15.61 -23.42 -6.41
CA ALA C 91 14.31 -23.82 -5.86
C ALA C 91 13.25 -22.79 -6.29
N GLU C 92 13.57 -21.50 -6.17
CA GLU C 92 12.66 -20.39 -6.49
C GLU C 92 12.25 -20.48 -7.95
N CYS C 93 13.22 -20.79 -8.79
CA CYS C 93 12.96 -21.04 -10.20
C CYS C 93 11.91 -22.11 -10.44
N GLU C 94 12.05 -23.26 -9.78
CA GLU C 94 11.11 -24.40 -9.95
C GLU C 94 9.69 -24.05 -9.51
N THR C 95 9.57 -23.39 -8.36
CA THR C 95 8.27 -22.94 -7.82
C THR C 95 7.57 -22.00 -8.82
N ARG C 96 8.34 -21.03 -9.33
CA ARG C 96 7.82 -19.98 -10.20
C ARG C 96 7.34 -20.58 -11.48
N LEU C 97 8.22 -21.34 -12.15
CA LEU C 97 7.87 -21.99 -13.40
C LEU C 97 6.71 -22.96 -13.21
N GLY C 98 6.65 -23.67 -12.09
CA GLY C 98 5.62 -24.69 -11.88
C GLY C 98 4.24 -24.05 -11.95
N LYS C 99 4.16 -22.80 -11.47
CA LYS C 99 2.89 -22.04 -11.46
C LYS C 99 2.43 -21.75 -12.89
N GLN C 100 3.37 -21.78 -13.83
CA GLN C 100 3.12 -21.60 -15.24
C GLN C 100 2.98 -22.90 -16.03
N GLY C 101 2.89 -24.02 -15.30
CA GLY C 101 2.94 -25.35 -15.92
C GLY C 101 4.23 -25.64 -16.65
N ARG C 102 5.31 -25.01 -16.22
CA ARG C 102 6.61 -25.29 -16.85
C ARG C 102 7.42 -26.14 -15.86
N ARG C 103 8.20 -27.07 -16.39
CA ARG C 103 8.86 -28.06 -15.54
C ARG C 103 10.34 -27.78 -15.30
N VAL C 104 10.72 -27.80 -14.02
CA VAL C 104 12.12 -27.83 -13.63
C VAL C 104 12.33 -29.06 -12.76
N VAL C 105 13.36 -29.83 -13.10
CA VAL C 105 13.82 -31.00 -12.34
C VAL C 105 15.34 -30.92 -12.02
N VAL C 106 15.67 -31.23 -10.78
CA VAL C 106 17.05 -31.27 -10.30
C VAL C 106 17.55 -32.72 -10.18
N ILE C 107 18.63 -33.02 -10.89
CA ILE C 107 19.32 -34.30 -10.79
C ILE C 107 20.61 -34.03 -10.09
N THR C 108 20.70 -34.43 -8.83
CA THR C 108 21.91 -34.15 -8.08
C THR C 108 22.71 -35.40 -7.70
N GLN C 109 24.02 -35.17 -7.65
CA GLN C 109 25.01 -36.11 -7.25
C GLN C 109 25.29 -35.95 -5.77
N ASN C 110 24.81 -34.86 -5.19
CA ASN C 110 25.10 -34.49 -3.76
C ASN C 110 24.24 -35.34 -2.82
N ILE C 111 24.81 -35.80 -1.72
CA ILE C 111 24.04 -36.52 -0.69
C ILE C 111 23.73 -35.58 0.50
N ASP C 112 23.95 -34.29 0.32
CA ASP C 112 23.89 -33.32 1.41
C ASP C 112 22.44 -32.82 1.73
N GLU C 113 21.46 -33.12 0.84
CA GLU C 113 20.03 -32.67 0.94
C GLU C 113 19.75 -31.16 0.96
N LEU C 114 20.75 -30.36 0.58
CA LEU C 114 20.59 -28.93 0.57
C LEU C 114 19.55 -28.48 -0.47
N HIS C 115 19.53 -29.14 -1.64
CA HIS C 115 18.46 -28.90 -2.59
C HIS C 115 17.06 -29.13 -1.98
N ARG C 116 16.82 -30.29 -1.37
CA ARG C 116 15.57 -30.51 -0.62
C ARG C 116 15.26 -29.43 0.52
N LYS C 117 16.27 -29.10 1.33
CA LYS C 117 16.12 -28.06 2.37
C LYS C 117 15.77 -26.68 1.75
N ALA C 118 16.35 -26.40 0.57
CA ALA C 118 16.07 -25.17 -0.21
C ALA C 118 14.64 -25.11 -0.74
N GLY C 119 13.95 -26.26 -0.80
CA GLY C 119 12.58 -26.34 -1.30
C GLY C 119 12.44 -26.91 -2.69
N THR C 120 13.47 -27.58 -3.19
CA THR C 120 13.34 -28.29 -4.45
C THR C 120 12.48 -29.55 -4.29
N LYS C 121 11.44 -29.70 -5.11
CA LYS C 121 10.48 -30.78 -4.99
C LYS C 121 10.71 -31.85 -6.06
N ASN C 122 11.03 -31.40 -7.29
CA ASN C 122 11.33 -32.35 -8.37
C ASN C 122 12.83 -32.68 -8.29
N LEU C 123 13.15 -33.68 -7.47
CA LEU C 123 14.54 -33.92 -7.07
C LEU C 123 14.89 -35.39 -7.29
N LEU C 124 15.95 -35.65 -8.02
CA LEU C 124 16.40 -37.03 -8.12
C LEU C 124 17.78 -37.03 -7.44
N GLU C 125 17.88 -37.71 -6.32
CA GLU C 125 19.17 -37.76 -5.60
C GLU C 125 19.88 -39.07 -6.02
N ILE C 126 20.73 -38.99 -7.01
CA ILE C 126 21.19 -40.25 -7.69
C ILE C 126 22.21 -41.02 -6.88
N HIS C 127 22.86 -40.35 -5.93
CA HIS C 127 23.85 -40.96 -5.06
C HIS C 127 23.31 -41.21 -3.64
N GLY C 128 21.98 -41.10 -3.47
CA GLY C 128 21.28 -41.24 -2.19
C GLY C 128 21.39 -40.02 -1.27
N SER C 129 21.26 -40.26 0.04
CA SER C 129 21.20 -39.17 1.05
C SER C 129 21.85 -39.54 2.39
N LEU C 130 22.67 -38.63 2.93
CA LEU C 130 23.19 -38.80 4.31
C LEU C 130 22.10 -38.98 5.35
N PHE C 131 20.92 -38.45 5.05
CA PHE C 131 19.82 -38.37 6.04
C PHE C 131 18.72 -39.39 5.75
N LYS C 132 19.11 -40.50 5.12
CA LYS C 132 18.28 -41.65 4.93
C LYS C 132 19.11 -42.88 5.33
N THR C 133 18.40 -43.85 5.91
CA THR C 133 18.97 -45.17 6.28
C THR C 133 18.26 -46.23 5.50
N ARG C 134 18.95 -47.34 5.28
CA ARG C 134 18.34 -48.51 4.71
C ARG C 134 18.71 -49.70 5.61
N CYS C 135 17.73 -50.52 5.92
CA CYS C 135 18.00 -51.71 6.70
C CYS C 135 18.57 -52.88 5.84
N THR C 136 19.68 -53.46 6.30
CA THR C 136 20.40 -54.53 5.59
C THR C 136 19.61 -55.84 5.69
N SER C 137 18.59 -55.88 6.55
CA SER C 137 17.74 -57.10 6.60
C SER C 137 16.47 -56.96 5.76
N CYS C 138 15.56 -56.02 6.06
CA CYS C 138 14.26 -55.93 5.35
C CYS C 138 14.27 -54.91 4.22
N GLY C 139 15.34 -54.12 4.10
CA GLY C 139 15.48 -53.17 2.99
C GLY C 139 14.64 -51.91 3.08
N VAL C 140 13.88 -51.72 4.16
CA VAL C 140 13.10 -50.52 4.37
C VAL C 140 14.04 -49.30 4.36
N VAL C 141 13.64 -48.26 3.62
CA VAL C 141 14.37 -46.96 3.51
C VAL C 141 13.59 -45.93 4.32
N ALA C 142 14.27 -45.24 5.22
CA ALA C 142 13.61 -44.26 6.09
C ALA C 142 14.43 -42.99 6.28
N GLU C 143 13.74 -41.86 6.52
CA GLU C 143 14.43 -40.61 6.78
C GLU C 143 14.93 -40.72 8.21
N ASN C 144 16.11 -40.17 8.38
CA ASN C 144 16.76 -40.12 9.67
C ASN C 144 17.60 -38.87 9.85
N TYR C 145 17.04 -37.94 10.66
CA TYR C 145 17.70 -36.68 10.98
C TYR C 145 18.23 -36.59 12.44
N LYS C 146 18.11 -37.69 13.16
CA LYS C 146 18.49 -37.80 14.54
C LYS C 146 19.97 -37.45 14.76
N SER C 147 20.23 -36.53 15.69
CA SER C 147 21.57 -36.14 16.08
C SER C 147 21.73 -36.38 17.58
N PRO C 148 22.45 -37.46 17.98
CA PRO C 148 23.14 -38.43 17.13
C PRO C 148 22.18 -39.52 16.67
N ILE C 149 22.59 -40.27 15.65
CA ILE C 149 21.68 -41.26 15.08
C ILE C 149 21.47 -42.41 16.06
N CYS C 150 22.50 -42.71 16.87
CA CYS C 150 22.26 -43.53 18.07
C CYS C 150 23.11 -43.03 19.26
N PRO C 151 22.64 -43.32 20.51
CA PRO C 151 23.34 -42.85 21.76
C PRO C 151 24.83 -43.16 21.78
N ALA C 152 25.22 -44.37 21.37
CA ALA C 152 26.62 -44.77 21.26
C ALA C 152 27.53 -43.85 20.40
N LEU C 153 26.95 -43.24 19.35
CA LEU C 153 27.69 -42.29 18.47
C LEU C 153 27.83 -40.88 19.07
N SER C 154 27.23 -40.66 20.22
CA SER C 154 27.27 -39.34 20.85
C SER C 154 28.72 -38.91 21.05
N GLY C 155 29.08 -37.77 20.46
CA GLY C 155 30.43 -37.16 20.57
C GLY C 155 31.54 -37.94 19.89
N LYS C 156 31.16 -38.86 19.01
CA LYS C 156 32.10 -39.64 18.21
C LYS C 156 32.28 -39.05 16.78
N GLY C 157 33.08 -39.73 15.97
CA GLY C 157 33.39 -39.29 14.60
C GLY C 157 34.46 -38.21 14.41
N ALA C 158 35.13 -37.75 15.48
CA ALA C 158 36.12 -36.67 15.32
C ALA C 158 37.13 -37.09 14.25
N PRO C 159 37.47 -36.18 13.28
CA PRO C 159 38.28 -36.51 12.09
C PRO C 159 39.82 -36.40 12.17
N GLU C 160 40.34 -35.83 13.25
CA GLU C 160 41.79 -35.70 13.50
C GLU C 160 42.46 -37.07 13.41
N PRO C 161 43.62 -37.19 12.69
CA PRO C 161 44.36 -38.47 12.71
C PRO C 161 44.81 -38.83 14.12
N GLY C 162 44.70 -40.10 14.48
CA GLY C 162 45.03 -40.53 15.84
C GLY C 162 43.87 -40.51 16.83
N THR C 163 42.67 -40.11 16.37
CA THR C 163 41.47 -40.31 17.17
C THR C 163 41.21 -41.82 17.18
N GLN C 164 41.11 -42.46 18.35
CA GLN C 164 40.92 -43.92 18.40
C GLN C 164 39.50 -44.24 18.00
N ASP C 165 39.31 -45.44 17.41
CA ASP C 165 37.99 -45.99 17.05
C ASP C 165 37.02 -46.01 18.24
N ALA C 166 35.76 -45.69 18.00
CA ALA C 166 34.75 -45.76 19.07
C ALA C 166 34.39 -47.22 19.45
N SER C 167 34.71 -48.16 18.55
CA SER C 167 34.45 -49.60 18.66
C SER C 167 33.11 -50.00 19.30
N ILE C 168 32.01 -49.64 18.63
CA ILE C 168 30.67 -49.83 19.17
C ILE C 168 30.24 -51.24 18.79
N PRO C 169 29.76 -52.04 19.75
CA PRO C 169 29.26 -53.35 19.30
C PRO C 169 28.04 -53.19 18.36
N VAL C 170 27.93 -54.07 17.38
CA VAL C 170 26.94 -53.92 16.32
C VAL C 170 25.51 -53.75 16.79
N GLU C 171 25.23 -54.28 17.98
CA GLU C 171 23.89 -54.27 18.52
C GLU C 171 23.56 -52.86 19.00
N LYS C 172 24.58 -52.06 19.23
CA LYS C 172 24.39 -50.67 19.67
C LYS C 172 24.60 -49.61 18.53
N LEU C 173 24.88 -50.10 17.32
CA LEU C 173 24.84 -49.26 16.10
C LEU C 173 23.37 -49.09 15.67
N PRO C 174 23.06 -48.14 14.75
CA PRO C 174 21.66 -47.89 14.40
C PRO C 174 20.92 -49.19 13.90
N ARG C 175 19.83 -49.51 14.58
CA ARG C 175 19.06 -50.71 14.32
C ARG C 175 17.72 -50.36 13.70
N CYS C 176 17.19 -51.26 12.88
CA CYS C 176 15.91 -51.04 12.27
C CYS C 176 14.84 -51.10 13.35
N GLU C 177 13.97 -50.11 13.35
CA GLU C 177 12.91 -50.02 14.33
C GLU C 177 11.59 -50.57 13.82
N GLU C 178 11.57 -51.15 12.62
CA GLU C 178 10.33 -51.74 12.12
C GLU C 178 9.92 -52.92 12.99
N ALA C 179 8.63 -53.20 13.00
CA ALA C 179 8.04 -54.25 13.84
C ALA C 179 8.59 -55.61 13.47
N GLY C 180 9.23 -56.27 14.43
CA GLY C 180 9.76 -57.62 14.24
C GLY C 180 10.96 -57.73 13.29
N CYS C 181 11.69 -56.63 13.09
CA CYS C 181 12.91 -56.73 12.30
C CYS C 181 14.18 -56.77 13.17
N GLY C 182 14.58 -55.59 13.64
CA GLY C 182 15.80 -55.39 14.46
C GLY C 182 17.12 -55.50 13.71
N GLY C 183 17.06 -55.48 12.37
CA GLY C 183 18.26 -55.51 11.51
C GLY C 183 19.20 -54.34 11.66
N LEU C 184 20.38 -54.45 11.07
CA LEU C 184 21.42 -53.40 11.12
C LEU C 184 21.21 -52.38 9.98
N LEU C 185 21.14 -51.09 10.32
CA LEU C 185 21.00 -50.05 9.32
C LEU C 185 22.36 -49.65 8.75
N ARG C 186 22.30 -49.29 7.47
CA ARG C 186 23.39 -48.63 6.76
C ARG C 186 22.89 -47.25 6.25
N PRO C 187 23.84 -46.33 5.92
CA PRO C 187 23.42 -45.12 5.21
C PRO C 187 22.85 -45.49 3.81
N HIS C 188 21.80 -44.79 3.40
CA HIS C 188 21.20 -45.06 2.07
C HIS C 188 21.91 -44.11 1.12
N VAL C 189 23.15 -44.47 0.79
CA VAL C 189 24.04 -43.70 -0.07
C VAL C 189 24.66 -44.73 -1.03
N VAL C 190 25.11 -44.29 -2.20
CA VAL C 190 25.79 -45.21 -3.11
C VAL C 190 27.28 -45.22 -2.71
N TRP C 191 27.79 -46.41 -2.40
CA TRP C 191 29.18 -46.56 -1.99
C TRP C 191 30.02 -46.89 -3.24
N PHE C 192 31.33 -46.69 -3.11
CA PHE C 192 32.35 -47.28 -3.98
C PHE C 192 32.09 -48.78 -4.02
N GLY C 193 32.25 -49.39 -5.19
CA GLY C 193 31.90 -50.78 -5.36
C GLY C 193 30.40 -50.99 -5.52
N GLU C 194 29.63 -49.93 -5.70
CA GLU C 194 28.20 -50.03 -5.92
C GLU C 194 27.87 -49.09 -7.04
N ASN C 195 26.70 -49.32 -7.62
CA ASN C 195 26.19 -48.51 -8.71
C ASN C 195 24.82 -47.91 -8.39
N LEU C 196 24.40 -46.96 -9.23
CA LEU C 196 23.12 -46.28 -9.18
C LEU C 196 21.93 -47.24 -9.22
N ASP C 197 20.92 -46.87 -8.47
CA ASP C 197 19.64 -47.54 -8.53
C ASP C 197 19.09 -47.51 -9.98
N PRO C 198 18.85 -48.69 -10.61
CA PRO C 198 18.31 -48.68 -11.99
C PRO C 198 16.96 -47.97 -12.16
N ALA C 199 16.10 -47.98 -11.13
CA ALA C 199 14.85 -47.22 -11.15
C ALA C 199 15.11 -45.71 -11.26
N ILE C 200 16.05 -45.19 -10.50
CA ILE C 200 16.48 -43.82 -10.64
C ILE C 200 17.04 -43.47 -12.02
N LEU C 201 17.89 -44.34 -12.57
CA LEU C 201 18.45 -44.16 -13.90
C LEU C 201 17.37 -44.13 -14.98
N GLU C 202 16.32 -44.93 -14.84
CA GLU C 202 15.15 -44.84 -15.72
C GLU C 202 14.44 -43.48 -15.65
N GLU C 203 14.28 -42.92 -14.45
CA GLU C 203 13.67 -41.59 -14.28
C GLU C 203 14.55 -40.49 -14.88
N VAL C 204 15.87 -40.59 -14.65
CA VAL C 204 16.86 -39.67 -15.22
C VAL C 204 16.71 -39.67 -16.74
N ASP C 205 16.68 -40.87 -17.33
CA ASP C 205 16.63 -40.98 -18.77
C ASP C 205 15.36 -40.39 -19.38
N ARG C 206 14.23 -40.54 -18.71
CA ARG C 206 12.98 -39.86 -19.13
C ARG C 206 13.12 -38.34 -19.12
N GLU C 207 13.72 -37.81 -18.05
CA GLU C 207 13.98 -36.37 -17.93
C GLU C 207 14.92 -35.90 -19.04
N LEU C 208 15.98 -36.64 -19.26
CA LEU C 208 16.96 -36.23 -20.24
C LEU C 208 16.35 -36.22 -21.65
N ALA C 209 15.42 -37.14 -21.91
CA ALA C 209 14.90 -37.29 -23.27
C ALA C 209 13.86 -36.21 -23.62
N HIS C 210 13.25 -35.61 -22.61
CA HIS C 210 12.14 -34.69 -22.77
C HIS C 210 12.51 -33.26 -22.50
N CYS C 211 13.77 -33.00 -22.14
CA CYS C 211 14.10 -31.64 -21.72
C CYS C 211 14.45 -30.75 -22.90
N ASP C 212 14.26 -29.45 -22.75
CA ASP C 212 14.54 -28.51 -23.82
C ASP C 212 15.59 -27.47 -23.48
N LEU C 213 16.05 -27.49 -22.22
CA LEU C 213 17.20 -26.72 -21.78
C LEU C 213 17.80 -27.45 -20.56
N CYS C 214 19.13 -27.51 -20.51
CA CYS C 214 19.83 -28.20 -19.46
C CYS C 214 20.90 -27.32 -18.83
N LEU C 215 21.02 -27.39 -17.52
CA LEU C 215 22.09 -26.69 -16.81
C LEU C 215 22.95 -27.70 -16.08
N VAL C 216 24.27 -27.54 -16.17
CA VAL C 216 25.22 -28.38 -15.45
C VAL C 216 25.99 -27.54 -14.49
N VAL C 217 25.68 -27.69 -13.20
CA VAL C 217 26.17 -26.77 -12.18
C VAL C 217 27.09 -27.44 -11.15
N GLY C 218 28.29 -26.88 -10.99
CA GLY C 218 29.24 -27.31 -9.95
C GLY C 218 29.65 -28.81 -9.98
N THR C 219 29.84 -29.34 -11.19
CA THR C 219 30.33 -30.72 -11.34
C THR C 219 31.59 -30.76 -12.24
N SER C 220 32.53 -31.63 -11.86
CA SER C 220 33.75 -31.87 -12.63
C SER C 220 33.48 -32.55 -13.98
N SER C 221 32.29 -33.13 -14.15
CA SER C 221 31.96 -33.94 -15.33
C SER C 221 33.01 -35.02 -15.68
N VAL C 222 33.59 -35.68 -14.68
CA VAL C 222 34.47 -36.83 -14.96
C VAL C 222 33.91 -38.17 -14.46
N VAL C 223 33.05 -38.15 -13.43
CA VAL C 223 32.59 -39.40 -12.78
C VAL C 223 31.32 -39.92 -13.42
N TYR C 224 31.40 -41.14 -13.97
CA TYR C 224 30.27 -41.78 -14.64
C TYR C 224 29.21 -42.36 -13.66
N PRO C 225 27.95 -42.52 -14.09
CA PRO C 225 27.40 -42.23 -15.44
C PRO C 225 26.95 -40.76 -15.64
N ALA C 226 26.89 -40.04 -14.53
CA ALA C 226 26.32 -38.69 -14.53
C ALA C 226 27.10 -37.73 -15.45
N ALA C 227 28.41 -37.96 -15.59
CA ALA C 227 29.33 -37.13 -16.39
C ALA C 227 28.88 -37.05 -17.80
N PHE C 229 25.47 -37.35 -18.81
CA PHE C 229 24.05 -36.90 -18.88
C PHE C 229 23.87 -35.67 -19.81
N ALA C 230 24.51 -34.58 -19.42
CA ALA C 230 24.44 -33.34 -20.20
C ALA C 230 24.96 -33.55 -21.62
N PRO C 231 26.18 -34.13 -21.80
CA PRO C 231 26.66 -34.46 -23.15
C PRO C 231 25.60 -35.15 -24.02
N GLN C 232 24.92 -36.19 -23.53
CA GLN C 232 23.78 -36.81 -24.27
C GLN C 232 22.77 -35.81 -24.79
N VAL C 233 22.32 -34.92 -23.91
CA VAL C 233 21.32 -33.91 -24.21
C VAL C 233 21.85 -32.97 -25.33
N ALA C 234 23.08 -32.51 -25.12
CA ALA C 234 23.80 -31.70 -26.09
C ALA C 234 23.98 -32.43 -27.46
N ALA C 235 24.42 -33.70 -27.45
CA ALA C 235 24.57 -34.48 -28.68
C ALA C 235 23.28 -34.60 -29.51
N ARG C 236 22.14 -34.09 -29.03
CA ARG C 236 20.91 -34.09 -29.82
C ARG C 236 20.36 -32.67 -30.03
N GLY C 237 21.23 -31.67 -29.87
CA GLY C 237 20.83 -30.31 -30.21
C GLY C 237 20.47 -29.34 -29.10
N VAL C 238 20.11 -29.85 -27.90
CA VAL C 238 19.55 -29.05 -26.79
C VAL C 238 20.62 -28.16 -26.14
N PRO C 239 20.31 -26.85 -25.92
CA PRO C 239 21.30 -26.00 -25.25
C PRO C 239 21.56 -26.46 -23.80
N VAL C 240 22.83 -26.52 -23.49
CA VAL C 240 23.34 -26.89 -22.20
C VAL C 240 24.25 -25.76 -21.79
N ALA C 241 24.01 -25.24 -20.58
CA ALA C 241 24.84 -24.22 -20.00
C ALA C 241 25.54 -24.74 -18.76
N GLU C 242 26.86 -24.61 -18.79
CA GLU C 242 27.69 -25.03 -17.70
C GLU C 242 27.98 -23.82 -16.78
N PHE C 243 27.75 -24.03 -15.49
CA PHE C 243 28.04 -23.04 -14.47
C PHE C 243 29.09 -23.66 -13.57
N ASN C 244 30.31 -23.14 -13.63
CA ASN C 244 31.42 -23.72 -12.89
C ASN C 244 32.49 -22.64 -12.68
N THR C 245 33.32 -22.80 -11.66
CA THR C 245 34.42 -21.90 -11.44
C THR C 245 35.56 -22.23 -12.42
N GLU C 246 35.48 -23.38 -13.10
CA GLU C 246 36.44 -23.66 -14.16
C GLU C 246 35.87 -24.39 -15.38
N THR C 247 36.72 -24.56 -16.40
CA THR C 247 36.38 -25.44 -17.49
C THR C 247 36.69 -26.86 -17.04
N THR C 248 36.03 -27.81 -17.68
CA THR C 248 36.13 -29.20 -17.34
C THR C 248 36.27 -29.96 -18.68
N PRO C 249 36.49 -31.29 -18.64
CA PRO C 249 36.56 -32.07 -19.88
C PRO C 249 35.31 -32.06 -20.72
N ALA C 250 34.20 -31.53 -20.22
CA ALA C 250 32.98 -31.55 -21.00
C ALA C 250 32.62 -30.17 -21.54
N THR C 251 33.32 -29.15 -21.07
CA THR C 251 32.93 -27.75 -21.38
C THR C 251 32.69 -27.48 -22.89
N ASN C 252 33.62 -27.98 -23.70
CA ASN C 252 33.58 -27.74 -25.14
C ASN C 252 32.45 -28.45 -25.85
N ARG C 253 31.75 -29.36 -25.17
CA ARG C 253 30.58 -30.02 -25.74
C ARG C 253 29.35 -29.17 -25.60
N PHE C 254 29.42 -28.11 -24.80
CA PHE C 254 28.20 -27.37 -24.44
C PHE C 254 28.06 -26.03 -25.12
N ARG C 255 26.82 -25.56 -25.19
CA ARG C 255 26.55 -24.27 -25.75
C ARG C 255 27.03 -23.04 -24.95
N PHE C 256 26.94 -23.09 -23.62
CA PHE C 256 27.37 -21.98 -22.79
C PHE C 256 28.28 -22.45 -21.67
N HIS C 257 29.12 -21.55 -21.24
CA HIS C 257 29.94 -21.73 -20.07
C HIS C 257 29.97 -20.41 -19.32
N PHE C 258 29.32 -20.36 -18.16
CA PHE C 258 29.30 -19.19 -17.31
C PHE C 258 30.23 -19.46 -16.14
N GLN C 259 31.38 -18.81 -16.18
CA GLN C 259 32.43 -19.10 -15.23
C GLN C 259 32.37 -18.17 -14.02
N GLY C 260 32.51 -18.75 -12.83
CA GLY C 260 32.25 -18.05 -11.58
C GLY C 260 31.55 -18.94 -10.55
N PRO C 261 31.46 -18.42 -9.30
CA PRO C 261 30.76 -19.17 -8.26
C PRO C 261 29.31 -19.25 -8.65
N CYS C 262 28.70 -20.43 -8.57
CA CYS C 262 27.32 -20.52 -8.99
C CYS C 262 26.38 -19.76 -8.02
N GLY C 263 26.81 -19.52 -6.78
CA GLY C 263 26.08 -18.64 -5.87
C GLY C 263 25.83 -17.22 -6.38
N THR C 264 26.59 -16.78 -7.38
CA THR C 264 26.36 -15.47 -8.05
C THR C 264 25.86 -15.58 -9.50
N THR C 265 26.31 -16.61 -10.23
CA THR C 265 25.86 -16.81 -11.59
C THR C 265 24.41 -17.34 -11.74
N LEU C 266 23.97 -18.18 -10.80
CA LEU C 266 22.64 -18.79 -10.93
C LEU C 266 21.49 -17.86 -10.56
N PRO C 267 21.66 -17.04 -9.50
CA PRO C 267 20.59 -16.05 -9.24
C PRO C 267 20.39 -15.13 -10.46
N GLU C 268 21.46 -14.70 -11.12
CA GLU C 268 21.30 -13.92 -12.34
C GLU C 268 20.62 -14.69 -13.50
N ALA C 269 21.10 -15.90 -13.77
CA ALA C 269 20.66 -16.73 -14.91
C ALA C 269 19.22 -17.16 -14.81
N LEU C 270 18.76 -17.37 -13.59
CA LEU C 270 17.47 -17.98 -13.35
C LEU C 270 16.44 -16.98 -12.82
N ALA C 271 16.83 -15.70 -12.77
CA ALA C 271 15.97 -14.61 -12.24
C ALA C 271 14.58 -14.54 -12.87
N PRO D 5 -2.76 19.98 -8.62
CA PRO D 5 -3.54 19.02 -7.83
C PRO D 5 -3.23 17.54 -8.20
N SER D 6 -3.93 16.60 -7.55
CA SER D 6 -3.68 15.15 -7.65
C SER D 6 -4.18 14.48 -8.95
N SER D 7 -3.79 13.22 -9.16
CA SER D 7 -4.27 12.44 -10.34
C SER D 7 -4.83 11.04 -10.06
N SER D 8 -5.09 10.72 -8.80
CA SER D 8 -5.57 9.38 -8.50
C SER D 8 -6.99 9.15 -8.99
N ALA D 10 -8.28 6.32 -8.84
CA ALA D 10 -8.85 5.53 -7.74
C ALA D 10 -9.38 6.41 -6.61
N ASP D 11 -8.63 7.45 -6.20
CA ASP D 11 -9.11 8.43 -5.20
C ASP D 11 -10.35 9.17 -5.66
N PHE D 12 -10.37 9.54 -6.95
CA PHE D 12 -11.56 10.14 -7.55
C PHE D 12 -12.73 9.16 -7.55
N ARG D 13 -12.49 7.94 -8.06
CA ARG D 13 -13.53 6.89 -8.08
C ARG D 13 -14.05 6.61 -6.68
N LYS D 14 -13.18 6.77 -5.67
CA LYS D 14 -13.60 6.69 -4.26
C LYS D 14 -14.74 7.67 -3.96
N PHE D 15 -14.53 8.98 -4.26
CA PHE D 15 -15.56 10.00 -4.00
C PHE D 15 -16.79 9.71 -4.85
N PHE D 16 -16.53 9.42 -6.11
CA PHE D 16 -17.56 9.15 -7.11
C PHE D 16 -18.55 8.06 -6.63
N ALA D 17 -18.02 7.05 -5.92
CA ALA D 17 -18.78 5.88 -5.45
C ALA D 17 -19.96 6.14 -4.52
N LYS D 18 -19.83 7.13 -3.64
CA LYS D 18 -20.90 7.41 -2.66
C LYS D 18 -21.62 8.77 -2.82
N ALA D 19 -21.15 9.59 -3.78
CA ALA D 19 -21.68 10.94 -4.00
C ALA D 19 -23.19 10.96 -4.26
N LYS D 20 -23.95 11.61 -3.37
CA LYS D 20 -25.41 11.67 -3.47
C LYS D 20 -25.88 12.80 -4.41
N HIS D 21 -24.91 13.68 -4.69
CA HIS D 21 -25.14 14.91 -5.43
C HIS D 21 -23.89 15.42 -6.18
N ILE D 22 -23.85 15.07 -7.47
CA ILE D 22 -22.73 15.44 -8.30
C ILE D 22 -23.09 16.60 -9.24
N VAL D 23 -22.25 17.63 -9.23
CA VAL D 23 -22.48 18.76 -10.15
C VAL D 23 -21.38 18.71 -11.21
N ILE D 24 -21.80 18.67 -12.47
CA ILE D 24 -20.85 18.74 -13.57
C ILE D 24 -20.98 20.12 -14.27
N ILE D 25 -19.87 20.81 -14.38
CA ILE D 25 -19.87 22.16 -15.00
C ILE D 25 -19.15 21.95 -16.32
N SER D 26 -19.83 22.23 -17.44
CA SER D 26 -19.17 22.06 -18.72
C SER D 26 -19.06 23.37 -19.57
N GLY D 27 -17.96 23.42 -20.32
CA GLY D 27 -17.69 24.48 -21.27
C GLY D 27 -17.46 23.82 -22.63
N ALA D 28 -16.90 24.61 -23.56
CA ALA D 28 -16.84 24.24 -24.98
C ALA D 28 -15.91 23.05 -25.26
N GLY D 29 -14.91 22.87 -24.40
CA GLY D 29 -14.04 21.65 -24.42
C GLY D 29 -14.79 20.31 -24.42
N VAL D 30 -15.98 20.25 -23.82
CA VAL D 30 -16.72 18.99 -23.80
C VAL D 30 -17.28 18.64 -25.18
N SER D 31 -17.37 19.63 -26.06
CA SER D 31 -17.96 19.41 -27.38
C SER D 31 -16.92 19.40 -28.50
N ALA D 32 -15.69 19.69 -28.11
CA ALA D 32 -14.58 19.91 -29.05
C ALA D 32 -14.40 18.65 -29.88
N GLU D 33 -14.58 17.49 -29.26
CA GLU D 33 -14.41 16.21 -30.00
C GLU D 33 -15.66 15.82 -30.83
N SER D 34 -16.65 16.73 -30.89
CA SER D 34 -17.80 16.57 -31.77
C SER D 34 -17.58 17.39 -33.03
N GLY D 35 -16.45 18.07 -33.07
CA GLY D 35 -16.12 19.02 -34.12
C GLY D 35 -16.73 20.38 -33.91
N VAL D 36 -17.22 20.67 -32.71
CA VAL D 36 -17.71 22.02 -32.44
C VAL D 36 -16.50 22.86 -31.99
N PRO D 37 -16.25 24.00 -32.65
CA PRO D 37 -15.04 24.74 -32.25
C PRO D 37 -15.23 25.32 -30.86
N THR D 38 -14.12 25.55 -30.15
CA THR D 38 -14.17 26.20 -28.85
C THR D 38 -13.98 27.71 -29.06
N PHE D 39 -14.05 28.46 -27.96
CA PHE D 39 -13.77 29.90 -27.96
C PHE D 39 -12.30 29.99 -27.51
N TYR D 45 -15.07 34.26 -35.77
CA TYR D 45 -14.54 34.24 -37.16
C TYR D 45 -15.61 33.92 -38.27
N TRP D 46 -16.53 34.84 -38.58
CA TRP D 46 -17.64 34.60 -39.53
C TRP D 46 -17.69 35.76 -40.53
N ARG D 47 -17.37 35.50 -41.80
CA ARG D 47 -17.09 36.59 -42.79
C ARG D 47 -16.11 37.54 -42.13
N LYS D 48 -16.36 38.84 -42.15
CA LYS D 48 -15.45 39.76 -41.46
C LYS D 48 -15.60 39.94 -39.93
N TRP D 49 -16.65 39.37 -39.35
CA TRP D 49 -17.06 39.74 -37.99
C TRP D 49 -16.67 38.69 -36.94
N GLN D 50 -16.63 39.12 -35.68
CA GLN D 50 -16.50 38.14 -34.61
C GLN D 50 -17.84 38.07 -33.89
N ALA D 51 -18.02 37.04 -33.07
CA ALA D 51 -19.25 36.91 -32.31
C ALA D 51 -19.61 38.17 -31.51
N GLN D 52 -18.61 38.83 -30.94
CA GLN D 52 -18.77 40.10 -30.21
C GLN D 52 -19.30 41.25 -31.07
N ASP D 53 -19.26 41.11 -32.40
CA ASP D 53 -19.84 42.12 -33.30
C ASP D 53 -21.30 41.79 -33.68
N LEU D 54 -21.71 40.54 -33.42
CA LEU D 54 -22.95 40.00 -33.97
C LEU D 54 -23.93 39.60 -32.87
N ALA D 55 -23.40 39.06 -31.78
CA ALA D 55 -24.19 38.50 -30.68
C ALA D 55 -24.39 39.54 -29.61
N THR D 56 -25.16 40.60 -29.91
CA THR D 56 -25.33 41.74 -28.96
C THR D 56 -26.70 42.34 -29.28
N PRO D 57 -27.40 42.82 -28.24
CA PRO D 57 -28.73 43.47 -28.50
C PRO D 57 -28.61 44.70 -29.44
N LEU D 58 -27.51 45.44 -29.38
CA LEU D 58 -27.30 46.58 -30.27
C LEU D 58 -27.19 46.11 -31.74
N ALA D 59 -26.38 45.10 -32.02
CA ALA D 59 -26.25 44.53 -33.36
C ALA D 59 -27.57 44.03 -33.93
N PHE D 60 -28.33 43.33 -33.10
CA PHE D 60 -29.59 42.76 -33.46
C PHE D 60 -30.65 43.82 -33.75
N ALA D 61 -30.68 44.89 -32.96
CA ALA D 61 -31.56 46.01 -33.24
C ALA D 61 -31.19 46.72 -34.58
N HIS D 62 -29.90 46.96 -34.81
CA HIS D 62 -29.48 47.71 -36.00
C HIS D 62 -29.51 46.89 -37.28
N ASN D 63 -29.29 45.59 -37.16
CA ASN D 63 -29.27 44.70 -38.33
C ASN D 63 -29.69 43.26 -37.97
N PRO D 64 -31.00 43.03 -37.77
CA PRO D 64 -31.48 41.69 -37.37
C PRO D 64 -31.26 40.65 -38.46
N SER D 65 -31.31 41.06 -39.73
CA SER D 65 -31.03 40.09 -40.81
C SER D 65 -29.60 39.51 -40.70
N ARG D 66 -28.58 40.37 -40.47
CA ARG D 66 -27.20 39.85 -40.38
C ARG D 66 -27.00 38.98 -39.13
N VAL D 67 -27.65 39.38 -38.02
CA VAL D 67 -27.60 38.59 -36.78
C VAL D 67 -28.21 37.24 -36.98
N TRP D 68 -29.37 37.18 -37.63
CA TRP D 68 -30.02 35.92 -37.97
C TRP D 68 -29.26 34.99 -38.95
N GLU D 69 -28.62 35.59 -39.97
CA GLU D 69 -27.74 34.81 -40.86
C GLU D 69 -26.64 34.12 -40.06
N PHE D 70 -26.04 34.86 -39.11
CA PHE D 70 -25.03 34.29 -38.21
C PHE D 70 -25.60 33.07 -37.42
N TYR D 71 -26.80 33.24 -36.83
CA TYR D 71 -27.41 32.13 -36.04
C TYR D 71 -27.94 30.97 -36.87
N HIS D 72 -28.38 31.27 -38.10
CA HIS D 72 -28.77 30.25 -39.05
C HIS D 72 -27.55 29.38 -39.39
N TYR D 73 -26.44 30.02 -39.71
CA TYR D 73 -25.20 29.30 -39.89
C TYR D 73 -24.87 28.38 -38.69
N ARG D 74 -24.81 28.94 -37.48
CA ARG D 74 -24.54 28.14 -36.28
C ARG D 74 -25.48 26.96 -36.08
N ARG D 75 -26.78 27.19 -36.29
CA ARG D 75 -27.78 26.14 -36.21
C ARG D 75 -27.50 25.02 -37.22
N GLU D 76 -27.27 25.39 -38.47
CA GLU D 76 -27.12 24.39 -39.52
C GLU D 76 -25.83 23.57 -39.34
N VAL D 77 -24.73 24.23 -39.00
CA VAL D 77 -23.49 23.53 -38.60
C VAL D 77 -23.72 22.46 -37.49
N GLY D 79 -26.42 20.64 -37.10
CA GLY D 79 -27.17 19.53 -37.70
C GLY D 79 -26.34 18.38 -38.21
N SER D 80 -25.04 18.56 -38.26
CA SER D 80 -24.16 17.47 -38.64
C SER D 80 -23.32 16.98 -37.44
N LYS D 81 -23.53 17.56 -36.25
CA LYS D 81 -22.75 17.17 -35.06
C LYS D 81 -23.49 16.16 -34.20
N GLU D 82 -22.72 15.26 -33.60
CA GLU D 82 -23.28 14.22 -32.75
C GLU D 82 -22.60 14.36 -31.40
N PRO D 83 -23.30 13.96 -30.31
CA PRO D 83 -22.64 13.88 -28.99
C PRO D 83 -21.46 12.91 -29.02
N ASN D 84 -20.40 13.23 -28.28
CA ASN D 84 -19.17 12.45 -28.32
C ASN D 84 -19.17 11.54 -27.07
N ALA D 85 -18.07 10.79 -26.86
CA ALA D 85 -17.92 9.88 -25.66
C ALA D 85 -18.15 10.54 -24.31
N GLY D 86 -17.59 11.74 -24.13
CA GLY D 86 -17.83 12.61 -22.96
C GLY D 86 -19.29 12.96 -22.69
N HIS D 87 -20.03 13.48 -23.70
CA HIS D 87 -21.50 13.66 -23.51
C HIS D 87 -22.20 12.36 -23.12
N ARG D 88 -21.85 11.27 -23.80
CA ARG D 88 -22.48 9.95 -23.53
C ARG D 88 -22.24 9.46 -22.09
N ALA D 89 -20.99 9.43 -21.66
CA ALA D 89 -20.60 9.07 -20.30
C ALA D 89 -21.29 9.92 -19.24
N ILE D 90 -21.39 11.22 -19.52
CA ILE D 90 -22.09 12.15 -18.61
C ILE D 90 -23.58 11.81 -18.48
N ALA D 91 -24.22 11.55 -19.61
CA ALA D 91 -25.64 11.18 -19.62
C ALA D 91 -25.87 9.79 -19.00
N GLU D 92 -24.97 8.85 -19.29
CA GLU D 92 -25.14 7.49 -18.78
C GLU D 92 -24.84 7.41 -17.27
N CYS D 93 -23.83 8.14 -16.81
CA CYS D 93 -23.62 8.38 -15.37
C CYS D 93 -24.93 8.83 -14.67
N GLU D 94 -25.55 9.88 -15.17
CA GLU D 94 -26.78 10.42 -14.60
C GLU D 94 -27.92 9.39 -14.53
N THR D 95 -28.05 8.56 -15.56
CA THR D 95 -29.19 7.60 -15.66
C THR D 95 -29.17 6.49 -14.58
N ARG D 96 -28.01 5.82 -14.43
CA ARG D 96 -27.82 4.96 -13.30
C ARG D 96 -27.82 5.89 -12.10
N LEU D 97 -26.69 6.25 -11.51
CA LEU D 97 -26.76 7.02 -10.26
C LEU D 97 -28.18 7.41 -9.80
N GLY D 98 -29.01 7.92 -10.70
CA GLY D 98 -30.40 8.29 -10.39
C GLY D 98 -31.31 7.09 -10.14
N LYS D 99 -30.90 5.94 -10.71
CA LYS D 99 -31.46 4.61 -10.44
C LYS D 99 -31.22 4.21 -8.99
N GLN D 100 -30.02 4.48 -8.44
CA GLN D 100 -29.86 4.46 -6.99
C GLN D 100 -30.48 5.71 -6.34
N GLY D 101 -29.98 6.12 -5.20
CA GLY D 101 -30.59 7.28 -4.58
C GLY D 101 -30.22 8.63 -5.20
N ARG D 102 -29.28 8.61 -6.16
CA ARG D 102 -28.31 9.71 -6.32
C ARG D 102 -28.45 10.70 -7.50
N ARG D 103 -28.07 11.96 -7.23
CA ARG D 103 -28.27 13.06 -8.20
C ARG D 103 -27.02 13.46 -9.00
N VAL D 104 -27.18 13.51 -10.32
CA VAL D 104 -26.21 14.16 -11.24
C VAL D 104 -26.94 15.33 -11.88
N VAL D 105 -26.29 16.50 -11.89
CA VAL D 105 -26.82 17.64 -12.61
C VAL D 105 -25.71 18.31 -13.43
N VAL D 106 -26.04 18.64 -14.68
CA VAL D 106 -25.10 19.27 -15.60
C VAL D 106 -25.42 20.78 -15.68
N ILE D 107 -24.41 21.62 -15.43
CA ILE D 107 -24.53 23.06 -15.59
C ILE D 107 -23.67 23.39 -16.77
N THR D 108 -24.28 23.66 -17.91
CA THR D 108 -23.45 23.90 -19.08
C THR D 108 -23.48 25.35 -19.60
N GLN D 109 -22.30 25.83 -20.04
CA GLN D 109 -22.12 27.12 -20.73
C GLN D 109 -22.38 27.03 -22.24
N ASN D 110 -22.55 25.81 -22.71
CA ASN D 110 -22.69 25.50 -24.14
C ASN D 110 -24.15 25.68 -24.66
N ILE D 111 -24.29 26.17 -25.89
CA ILE D 111 -25.64 26.41 -26.43
C ILE D 111 -25.96 25.39 -27.49
N ASP D 112 -25.03 24.44 -27.67
CA ASP D 112 -25.07 23.43 -28.74
C ASP D 112 -26.10 22.28 -28.59
N GLU D 113 -26.72 22.18 -27.40
CA GLU D 113 -27.64 21.09 -27.02
C GLU D 113 -27.15 19.68 -27.11
N LEU D 114 -25.84 19.50 -27.19
CA LEU D 114 -25.30 18.15 -27.25
C LEU D 114 -25.55 17.30 -25.98
N HIS D 115 -25.53 17.92 -24.79
CA HIS D 115 -25.91 17.27 -23.55
C HIS D 115 -27.33 16.72 -23.57
N ARG D 116 -28.28 17.53 -24.01
CA ARG D 116 -29.68 17.13 -24.19
C ARG D 116 -29.90 16.01 -25.25
N LYS D 117 -29.20 16.15 -26.36
CA LYS D 117 -29.21 15.07 -27.38
C LYS D 117 -28.72 13.75 -26.80
N ALA D 118 -27.66 13.83 -26.00
CA ALA D 118 -27.08 12.61 -25.42
C ALA D 118 -27.92 11.93 -24.34
N GLY D 119 -29.02 12.59 -23.95
CA GLY D 119 -29.97 12.04 -23.00
C GLY D 119 -29.86 12.62 -21.58
N THR D 120 -29.00 13.63 -21.39
CA THR D 120 -28.98 14.36 -20.08
C THR D 120 -30.31 15.04 -19.77
N LYS D 121 -30.82 14.80 -18.56
CA LYS D 121 -32.12 15.29 -18.19
C LYS D 121 -32.01 16.43 -17.16
N ASN D 122 -31.08 16.33 -16.21
CA ASN D 122 -30.95 17.34 -15.13
C ASN D 122 -29.93 18.33 -15.69
N LEU D 123 -30.45 19.27 -16.47
CA LEU D 123 -29.61 20.14 -17.29
C LEU D 123 -29.93 21.60 -17.11
N LEU D 124 -28.91 22.42 -16.81
CA LEU D 124 -29.10 23.87 -16.73
C LEU D 124 -28.22 24.51 -17.79
N GLU D 125 -28.87 25.02 -18.82
CA GLU D 125 -28.18 25.62 -19.95
C GLU D 125 -28.09 27.12 -19.66
N ILE D 126 -27.08 27.52 -18.90
CA ILE D 126 -27.04 28.91 -18.37
C ILE D 126 -26.85 29.99 -19.45
N HIS D 127 -26.35 29.60 -20.64
CA HIS D 127 -26.23 30.59 -21.70
C HIS D 127 -27.35 30.49 -22.76
N GLY D 128 -28.35 29.65 -22.49
CA GLY D 128 -29.44 29.39 -23.39
C GLY D 128 -29.14 28.31 -24.43
N SER D 129 -29.87 28.36 -25.56
CA SER D 129 -29.82 27.33 -26.62
C SER D 129 -30.02 27.83 -28.05
N LEU D 130 -29.13 27.36 -28.92
CA LEU D 130 -29.28 27.55 -30.36
C LEU D 130 -30.62 27.18 -30.94
N PHE D 131 -31.28 26.22 -30.29
CA PHE D 131 -32.52 25.62 -30.77
C PHE D 131 -33.76 25.99 -29.94
N LYS D 132 -33.73 27.23 -29.43
CA LYS D 132 -34.87 27.89 -28.81
C LYS D 132 -34.93 29.30 -29.32
N THR D 133 -36.15 29.81 -29.46
CA THR D 133 -36.35 31.20 -29.83
C THR D 133 -37.08 31.88 -28.67
N ARG D 134 -36.99 33.21 -28.65
CA ARG D 134 -37.80 34.02 -27.78
C ARG D 134 -38.40 35.17 -28.55
N CYS D 135 -39.69 35.40 -28.40
CA CYS D 135 -40.30 36.50 -29.09
C CYS D 135 -39.99 37.84 -28.38
N THR D 136 -39.53 38.80 -29.18
CA THR D 136 -39.15 40.11 -28.65
C THR D 136 -40.42 40.93 -28.30
N SER D 137 -41.61 40.47 -28.68
CA SER D 137 -42.84 41.19 -28.27
C SER D 137 -43.50 40.52 -27.08
N CYS D 138 -43.83 39.24 -27.19
CA CYS D 138 -44.59 38.57 -26.12
C CYS D 138 -43.74 37.83 -25.10
N GLY D 139 -42.47 37.57 -25.44
CA GLY D 139 -41.53 36.91 -24.58
C GLY D 139 -41.65 35.41 -24.44
N VAL D 140 -42.48 34.77 -25.30
CA VAL D 140 -42.67 33.35 -25.30
C VAL D 140 -41.39 32.67 -25.84
N VAL D 141 -40.95 31.64 -25.13
CA VAL D 141 -39.77 30.86 -25.49
C VAL D 141 -40.32 29.57 -26.05
N ALA D 142 -39.78 29.14 -27.20
CA ALA D 142 -40.22 27.92 -27.92
C ALA D 142 -39.04 27.15 -28.49
N GLU D 143 -39.07 25.81 -28.44
CA GLU D 143 -38.09 25.00 -29.21
C GLU D 143 -38.31 25.23 -30.70
N ASN D 144 -37.21 25.33 -31.41
CA ASN D 144 -37.20 25.52 -32.86
C ASN D 144 -35.98 24.81 -33.46
N TYR D 145 -36.28 23.70 -34.09
CA TYR D 145 -35.26 22.88 -34.68
C TYR D 145 -35.32 22.98 -36.18
N LYS D 146 -36.22 23.83 -36.70
CA LYS D 146 -36.46 23.91 -38.16
C LYS D 146 -35.22 24.23 -39.01
N SER D 147 -35.09 23.51 -40.14
CA SER D 147 -33.99 23.69 -41.04
C SER D 147 -34.54 23.87 -42.46
N PRO D 148 -34.55 25.13 -42.97
CA PRO D 148 -34.06 26.37 -42.32
C PRO D 148 -35.12 27.00 -41.40
N ILE D 149 -34.72 27.89 -40.48
CA ILE D 149 -35.69 28.49 -39.51
C ILE D 149 -36.84 29.21 -40.16
N CYS D 150 -36.54 29.99 -41.19
CA CYS D 150 -37.56 30.54 -42.09
C CYS D 150 -37.07 30.38 -43.55
N PRO D 151 -37.99 30.45 -44.53
CA PRO D 151 -37.63 30.18 -45.94
C PRO D 151 -36.59 31.16 -46.53
N ALA D 152 -36.75 32.47 -46.23
CA ALA D 152 -35.79 33.51 -46.58
C ALA D 152 -34.33 33.21 -46.22
N LEU D 153 -34.09 32.35 -45.23
CA LEU D 153 -32.73 32.07 -44.78
C LEU D 153 -32.17 30.82 -45.44
N SER D 154 -32.99 30.20 -46.28
CA SER D 154 -32.59 28.99 -47.01
C SER D 154 -31.32 29.27 -47.85
N GLY D 155 -30.28 28.45 -47.68
CA GLY D 155 -29.00 28.64 -48.39
C GLY D 155 -28.17 29.83 -47.96
N LYS D 156 -28.55 30.50 -46.87
CA LYS D 156 -27.88 31.72 -46.43
C LYS D 156 -26.91 31.42 -45.27
N GLY D 157 -26.32 32.46 -44.71
CA GLY D 157 -25.39 32.34 -43.61
C GLY D 157 -24.00 31.84 -43.93
N ALA D 158 -23.64 31.72 -45.21
CA ALA D 158 -22.31 31.21 -45.60
C ALA D 158 -21.20 32.06 -44.96
N PRO D 159 -20.16 31.42 -44.42
CA PRO D 159 -19.21 32.13 -43.55
C PRO D 159 -17.98 32.77 -44.22
N GLU D 160 -17.82 32.60 -45.52
CA GLU D 160 -16.59 32.99 -46.20
C GLU D 160 -16.50 34.50 -46.22
N PRO D 161 -15.31 35.06 -45.88
CA PRO D 161 -15.12 36.53 -46.02
C PRO D 161 -15.59 37.01 -47.40
N GLY D 162 -16.22 38.16 -47.44
CA GLY D 162 -16.68 38.71 -48.72
C GLY D 162 -18.07 38.33 -49.21
N THR D 163 -18.67 37.28 -48.63
CA THR D 163 -20.09 36.95 -48.82
C THR D 163 -20.89 38.19 -48.48
N GLN D 164 -21.90 38.51 -49.30
CA GLN D 164 -22.72 39.68 -49.05
C GLN D 164 -23.92 39.36 -48.14
N ASP D 165 -24.39 40.37 -47.42
CA ASP D 165 -25.50 40.26 -46.51
C ASP D 165 -26.77 39.92 -47.26
N ALA D 166 -27.44 38.82 -46.86
CA ALA D 166 -28.81 38.52 -47.31
C ALA D 166 -29.76 39.70 -47.27
N SER D 167 -29.65 40.58 -46.26
CA SER D 167 -30.52 41.75 -46.12
C SER D 167 -32.05 41.45 -46.28
N ILE D 168 -32.48 40.37 -45.63
CA ILE D 168 -33.88 39.96 -45.54
C ILE D 168 -34.66 41.02 -44.76
N PRO D 169 -35.79 41.53 -45.29
CA PRO D 169 -36.55 42.49 -44.44
C PRO D 169 -37.10 41.84 -43.16
N VAL D 170 -37.25 42.63 -42.11
CA VAL D 170 -37.64 42.10 -40.80
C VAL D 170 -38.88 41.21 -40.84
N GLU D 171 -39.82 41.55 -41.73
CA GLU D 171 -41.07 40.78 -41.96
C GLU D 171 -40.90 39.32 -42.43
N LYS D 172 -39.74 39.02 -43.02
CA LYS D 172 -39.45 37.72 -43.57
C LYS D 172 -38.39 37.01 -42.74
N LEU D 173 -38.00 37.65 -41.65
CA LEU D 173 -37.23 37.01 -40.59
C LEU D 173 -38.13 36.08 -39.73
N PRO D 174 -37.52 35.20 -38.90
CA PRO D 174 -38.44 34.33 -38.08
C PRO D 174 -39.45 35.17 -37.21
N ARG D 175 -40.73 34.85 -37.35
CA ARG D 175 -41.84 35.54 -36.67
C ARG D 175 -42.54 34.65 -35.64
N CYS D 176 -43.05 35.24 -34.57
CA CYS D 176 -43.81 34.54 -33.55
C CYS D 176 -45.12 33.98 -34.11
N GLU D 177 -45.35 32.70 -33.89
CA GLU D 177 -46.56 32.05 -34.37
C GLU D 177 -47.68 31.93 -33.33
N GLU D 178 -47.45 32.49 -32.14
CA GLU D 178 -48.47 32.56 -31.11
C GLU D 178 -49.65 33.33 -31.66
N ALA D 179 -50.85 32.89 -31.31
CA ALA D 179 -52.05 33.50 -31.89
C ALA D 179 -52.11 34.95 -31.51
N GLY D 180 -52.35 35.78 -32.51
CA GLY D 180 -52.43 37.23 -32.31
C GLY D 180 -51.11 37.85 -31.87
N CYS D 181 -49.96 37.26 -32.24
CA CYS D 181 -48.69 37.94 -31.96
C CYS D 181 -48.02 38.50 -33.22
N GLY D 182 -47.27 37.69 -33.96
CA GLY D 182 -46.59 38.19 -35.16
C GLY D 182 -45.26 38.92 -34.87
N GLY D 183 -44.86 39.00 -33.61
CA GLY D 183 -43.61 39.68 -33.23
C GLY D 183 -42.34 39.04 -33.79
N LEU D 184 -41.22 39.75 -33.69
CA LEU D 184 -39.94 39.25 -34.17
C LEU D 184 -39.22 38.34 -33.14
N LEU D 185 -38.75 37.20 -33.60
CA LEU D 185 -38.06 36.26 -32.72
C LEU D 185 -36.57 36.60 -32.69
N ARG D 186 -35.93 36.29 -31.59
CA ARG D 186 -34.46 36.30 -31.50
C ARG D 186 -34.09 34.91 -31.04
N PRO D 187 -32.81 34.49 -31.25
CA PRO D 187 -32.32 33.27 -30.59
C PRO D 187 -32.39 33.45 -29.05
N HIS D 188 -32.79 32.38 -28.37
CA HIS D 188 -32.90 32.39 -26.89
C HIS D 188 -31.55 31.98 -26.34
N VAL D 189 -30.58 32.87 -26.56
CA VAL D 189 -29.20 32.71 -26.08
C VAL D 189 -28.83 33.98 -25.27
N VAL D 190 -27.86 33.87 -24.37
CA VAL D 190 -27.30 35.02 -23.68
C VAL D 190 -26.28 35.70 -24.63
N TRP D 191 -26.57 36.95 -24.98
CA TRP D 191 -25.69 37.67 -25.86
C TRP D 191 -24.66 38.40 -25.03
N PHE D 192 -23.56 38.81 -25.68
CA PHE D 192 -22.75 39.93 -25.15
C PHE D 192 -23.62 41.17 -24.82
N GLY D 193 -23.31 41.86 -23.73
CA GLY D 193 -24.15 42.96 -23.32
C GLY D 193 -25.40 42.56 -22.61
N GLU D 194 -25.50 41.29 -22.26
CA GLU D 194 -26.62 40.72 -21.50
C GLU D 194 -26.01 39.86 -20.41
N ASN D 195 -26.84 39.51 -19.42
CA ASN D 195 -26.40 38.62 -18.32
C ASN D 195 -27.30 37.39 -18.15
N LEU D 196 -26.88 36.47 -17.30
CA LEU D 196 -27.66 35.28 -17.00
C LEU D 196 -29.04 35.61 -16.48
N ASP D 197 -30.01 34.78 -16.84
CA ASP D 197 -31.34 34.83 -16.27
C ASP D 197 -31.19 34.64 -14.76
N PRO D 198 -31.78 35.56 -13.96
CA PRO D 198 -31.64 35.36 -12.50
C PRO D 198 -32.31 34.10 -11.96
N ALA D 199 -33.39 33.63 -12.56
CA ALA D 199 -34.04 32.39 -12.06
C ALA D 199 -33.07 31.21 -12.20
N ILE D 200 -32.29 31.24 -13.27
CA ILE D 200 -31.33 30.20 -13.58
C ILE D 200 -30.16 30.18 -12.60
N LEU D 201 -29.61 31.36 -12.32
CA LEU D 201 -28.55 31.50 -11.29
C LEU D 201 -29.00 31.03 -9.91
N GLU D 202 -30.25 31.28 -9.51
CA GLU D 202 -30.81 30.66 -8.28
C GLU D 202 -30.76 29.12 -8.27
N GLU D 203 -31.16 28.47 -9.37
CA GLU D 203 -31.09 27.01 -9.46
C GLU D 203 -29.63 26.55 -9.35
N VAL D 204 -28.71 27.29 -9.99
CA VAL D 204 -27.28 27.00 -9.92
C VAL D 204 -26.83 27.07 -8.48
N ASP D 205 -27.15 28.15 -7.79
CA ASP D 205 -26.67 28.30 -6.42
C ASP D 205 -27.21 27.15 -5.56
N ARG D 206 -28.46 26.73 -5.75
CA ARG D 206 -29.01 25.55 -5.03
C ARG D 206 -28.25 24.27 -5.24
N GLU D 207 -28.08 23.89 -6.50
CA GLU D 207 -27.20 22.76 -6.82
C GLU D 207 -25.79 22.87 -6.23
N LEU D 208 -25.15 24.04 -6.34
CA LEU D 208 -23.80 24.24 -5.83
C LEU D 208 -23.75 24.10 -4.30
N ALA D 209 -24.80 24.59 -3.62
CA ALA D 209 -24.88 24.52 -2.15
C ALA D 209 -25.10 23.11 -1.62
N HIS D 210 -25.76 22.26 -2.40
CA HIS D 210 -26.05 20.90 -1.93
C HIS D 210 -25.07 19.86 -2.40
N CYS D 211 -24.17 20.19 -3.31
CA CYS D 211 -23.35 19.16 -3.92
C CYS D 211 -22.21 18.64 -3.05
N ASP D 212 -21.92 17.34 -3.20
CA ASP D 212 -20.82 16.68 -2.51
C ASP D 212 -19.63 16.35 -3.37
N LEU D 213 -19.76 16.52 -4.69
CA LEU D 213 -18.64 16.35 -5.59
C LEU D 213 -18.88 17.17 -6.87
N CYS D 214 -17.86 17.86 -7.34
CA CYS D 214 -18.02 18.72 -8.49
C CYS D 214 -16.97 18.40 -9.60
N LEU D 215 -17.41 18.25 -10.85
CA LEU D 215 -16.49 18.11 -11.96
C LEU D 215 -16.52 19.37 -12.82
N VAL D 216 -15.35 19.89 -13.19
CA VAL D 216 -15.32 20.98 -14.15
C VAL D 216 -14.60 20.62 -15.49
N VAL D 217 -15.43 20.43 -16.52
CA VAL D 217 -15.00 19.80 -17.76
C VAL D 217 -15.02 20.75 -18.99
N GLY D 218 -13.87 20.80 -19.64
CA GLY D 218 -13.65 21.57 -20.84
C GLY D 218 -14.01 23.04 -20.78
N THR D 219 -13.61 23.70 -19.70
CA THR D 219 -13.80 25.13 -19.55
C THR D 219 -12.51 25.84 -19.12
N SER D 220 -12.30 27.04 -19.63
CA SER D 220 -11.10 27.83 -19.36
C SER D 220 -11.11 28.47 -17.98
N SER D 221 -12.25 28.45 -17.29
CA SER D 221 -12.37 29.06 -15.97
C SER D 221 -11.91 30.51 -15.89
N VAL D 222 -12.27 31.28 -16.90
CA VAL D 222 -11.99 32.72 -16.93
C VAL D 222 -13.22 33.64 -17.08
N VAL D 223 -14.24 33.20 -17.82
CA VAL D 223 -15.50 33.98 -18.06
C VAL D 223 -16.54 33.86 -16.89
N TYR D 224 -16.79 35.02 -16.25
CA TYR D 224 -17.76 35.15 -15.16
C TYR D 224 -19.19 35.11 -15.66
N PRO D 225 -20.16 34.70 -14.81
CA PRO D 225 -19.98 34.23 -13.42
C PRO D 225 -19.55 32.74 -13.30
N ALA D 226 -19.74 31.94 -14.36
CA ALA D 226 -19.46 30.50 -14.31
C ALA D 226 -18.03 30.11 -13.87
N ALA D 227 -17.04 30.93 -14.21
CA ALA D 227 -15.63 30.69 -13.77
C ALA D 227 -15.46 30.53 -12.26
N PHE D 229 -17.95 29.30 -10.17
CA PHE D 229 -18.86 28.25 -9.62
C PHE D 229 -18.05 27.12 -8.90
N ALA D 230 -17.04 26.55 -9.58
CA ALA D 230 -16.25 25.47 -8.97
C ALA D 230 -15.32 25.94 -7.86
N PRO D 231 -14.65 27.10 -8.01
CA PRO D 231 -13.87 27.67 -6.91
C PRO D 231 -14.64 27.88 -5.59
N GLN D 232 -15.89 28.30 -5.69
CA GLN D 232 -16.79 28.42 -4.55
C GLN D 232 -17.03 27.09 -3.84
N VAL D 233 -17.39 26.03 -4.59
CA VAL D 233 -17.51 24.73 -3.93
C VAL D 233 -16.18 24.24 -3.34
N ALA D 234 -15.05 24.42 -4.04
CA ALA D 234 -13.74 23.99 -3.56
C ALA D 234 -13.38 24.72 -2.28
N ALA D 235 -13.78 25.99 -2.23
CA ALA D 235 -13.44 26.87 -1.11
C ALA D 235 -14.13 26.46 0.19
N ARG D 236 -15.29 25.79 0.09
CA ARG D 236 -16.03 25.30 1.27
C ARG D 236 -15.76 23.80 1.56
N GLY D 237 -14.73 23.25 0.93
CA GLY D 237 -14.27 21.93 1.33
C GLY D 237 -14.75 20.75 0.52
N VAL D 238 -15.53 20.99 -0.53
CA VAL D 238 -15.98 19.93 -1.45
C VAL D 238 -14.89 19.62 -2.50
N PRO D 239 -14.68 18.31 -2.83
CA PRO D 239 -13.61 18.06 -3.83
C PRO D 239 -14.05 18.41 -5.25
N VAL D 240 -13.16 19.09 -5.95
CA VAL D 240 -13.40 19.48 -7.36
C VAL D 240 -12.34 18.78 -8.20
N ALA D 241 -12.80 18.11 -9.27
CA ALA D 241 -11.99 17.46 -10.30
C ALA D 241 -12.09 18.19 -11.62
N GLU D 242 -11.00 18.78 -12.06
CA GLU D 242 -10.92 19.45 -13.36
C GLU D 242 -10.48 18.51 -14.48
N PHE D 243 -11.35 18.34 -15.50
CA PHE D 243 -11.06 17.62 -16.75
C PHE D 243 -10.81 18.58 -17.89
N ASN D 244 -9.55 18.74 -18.24
CA ASN D 244 -9.17 19.71 -19.23
C ASN D 244 -7.93 19.20 -19.96
N THR D 245 -7.93 19.45 -21.25
CA THR D 245 -6.83 19.15 -22.12
C THR D 245 -5.62 19.94 -21.65
N GLU D 246 -5.85 20.95 -20.82
CA GLU D 246 -4.75 21.72 -20.26
C GLU D 246 -5.05 22.34 -18.88
N THR D 247 -4.06 23.05 -18.35
CA THR D 247 -4.12 23.78 -17.07
C THR D 247 -4.70 25.22 -17.24
N THR D 248 -5.44 25.67 -16.21
CA THR D 248 -6.18 26.95 -16.26
C THR D 248 -5.86 27.78 -15.02
N PRO D 249 -6.29 29.05 -14.99
CA PRO D 249 -6.04 29.85 -13.77
C PRO D 249 -6.71 29.39 -12.49
N ALA D 250 -7.63 28.42 -12.58
CA ALA D 250 -8.33 27.95 -11.39
C ALA D 250 -7.81 26.59 -10.89
N THR D 251 -7.02 25.92 -11.73
CA THR D 251 -6.52 24.54 -11.47
C THR D 251 -6.02 24.26 -10.05
N ASN D 252 -5.24 25.17 -9.50
CA ASN D 252 -4.65 24.92 -8.20
C ASN D 252 -5.59 25.13 -7.02
N ARG D 253 -6.81 25.59 -7.30
CA ARG D 253 -7.86 25.59 -6.27
C ARG D 253 -8.54 24.23 -6.12
N PHE D 254 -8.29 23.33 -7.06
CA PHE D 254 -9.07 22.10 -7.11
C PHE D 254 -8.34 20.90 -6.49
N ARG D 255 -9.08 19.85 -6.14
CA ARG D 255 -8.51 18.62 -5.60
C ARG D 255 -7.80 17.72 -6.64
N PHE D 256 -8.44 17.54 -7.81
CA PHE D 256 -7.89 16.70 -8.89
C PHE D 256 -7.81 17.46 -10.22
N HIS D 257 -6.77 17.21 -10.99
CA HIS D 257 -6.66 17.67 -12.37
C HIS D 257 -6.25 16.51 -13.29
N PHE D 258 -7.19 16.10 -14.15
CA PHE D 258 -6.96 15.05 -15.14
C PHE D 258 -6.76 15.67 -16.51
N GLN D 259 -5.50 15.72 -16.95
CA GLN D 259 -5.14 16.45 -18.15
C GLN D 259 -5.16 15.62 -19.42
N GLY D 260 -6.28 15.71 -20.15
CA GLY D 260 -6.48 14.96 -21.37
C GLY D 260 -7.77 15.35 -22.08
N PRO D 261 -7.99 14.77 -23.27
CA PRO D 261 -9.27 15.05 -23.89
C PRO D 261 -10.36 14.35 -23.10
N CYS D 262 -11.42 15.08 -22.77
CA CYS D 262 -12.40 14.50 -21.87
C CYS D 262 -13.22 13.35 -22.51
N GLY D 263 -13.20 13.27 -23.85
CA GLY D 263 -13.82 12.13 -24.55
C GLY D 263 -13.14 10.77 -24.25
N THR D 264 -11.96 10.82 -23.66
CA THR D 264 -11.27 9.62 -23.10
C THR D 264 -11.14 9.60 -21.56
N THR D 265 -10.88 10.75 -20.95
CA THR D 265 -10.83 10.80 -19.48
C THR D 265 -12.19 10.55 -18.79
N LEU D 266 -13.25 11.20 -19.26
CA LEU D 266 -14.59 11.01 -18.68
C LEU D 266 -15.21 9.60 -18.74
N PRO D 267 -15.17 8.91 -19.91
CA PRO D 267 -15.62 7.53 -19.95
C PRO D 267 -14.98 6.71 -18.83
N GLU D 268 -13.69 6.88 -18.59
CA GLU D 268 -13.01 6.14 -17.52
C GLU D 268 -13.54 6.56 -16.14
N ALA D 269 -13.27 7.83 -15.81
CA ALA D 269 -13.70 8.47 -14.56
C ALA D 269 -15.14 8.20 -14.13
N LEU D 270 -16.04 8.13 -15.10
CA LEU D 270 -17.45 8.04 -14.78
C LEU D 270 -18.02 6.62 -14.90
N ALA D 271 -17.13 5.68 -15.27
CA ALA D 271 -17.45 4.25 -15.47
C ALA D 271 -18.11 3.63 -14.25
#